data_1B07
# 
_entry.id   1B07 
# 
_audit_conform.dict_name       mmcif_pdbx.dic 
_audit_conform.dict_version    5.397 
_audit_conform.dict_location   http://mmcif.pdb.org/dictionaries/ascii/mmcif_pdbx.dic 
# 
loop_
_database_2.database_id 
_database_2.database_code 
_database_2.pdbx_database_accession 
_database_2.pdbx_DOI 
PDB   1B07         pdb_00001b07 10.2210/pdb1b07/pdb 
RCSB  RCSB008105   ?            ?                   
WWPDB D_1000008105 ?            ?                   
# 
loop_
_pdbx_audit_revision_history.ordinal 
_pdbx_audit_revision_history.data_content_type 
_pdbx_audit_revision_history.major_revision 
_pdbx_audit_revision_history.minor_revision 
_pdbx_audit_revision_history.revision_date 
1 'Structure model' 1 0 1999-01-06 
2 'Structure model' 1 1 2008-04-27 
3 'Structure model' 1 2 2011-07-13 
4 'Structure model' 1 3 2013-12-25 
5 'Structure model' 1 4 2023-08-09 
6 'Structure model' 1 5 2024-10-30 
# 
_pdbx_audit_revision_details.ordinal             1 
_pdbx_audit_revision_details.revision_ordinal    1 
_pdbx_audit_revision_details.data_content_type   'Structure model' 
_pdbx_audit_revision_details.provider            repository 
_pdbx_audit_revision_details.type                'Initial release' 
_pdbx_audit_revision_details.description         ? 
_pdbx_audit_revision_details.details             ? 
# 
loop_
_pdbx_audit_revision_group.ordinal 
_pdbx_audit_revision_group.revision_ordinal 
_pdbx_audit_revision_group.data_content_type 
_pdbx_audit_revision_group.group 
1 2 'Structure model' 'Version format compliance' 
2 3 'Structure model' 'Version format compliance' 
3 4 'Structure model' 'Non-polymer description'   
4 5 'Structure model' 'Data collection'           
5 5 'Structure model' 'Database references'       
6 5 'Structure model' 'Derived calculations'      
7 5 'Structure model' 'Refinement description'    
8 6 'Structure model' 'Structure summary'         
# 
loop_
_pdbx_audit_revision_category.ordinal 
_pdbx_audit_revision_category.revision_ordinal 
_pdbx_audit_revision_category.data_content_type 
_pdbx_audit_revision_category.category 
1 5 'Structure model' chem_comp_atom                
2 5 'Structure model' chem_comp_bond                
3 5 'Structure model' database_2                    
4 5 'Structure model' pdbx_initial_refinement_model 
5 5 'Structure model' struct_conn                   
6 5 'Structure model' struct_site                   
7 6 'Structure model' pdbx_entry_details            
8 6 'Structure model' pdbx_modification_feature     
# 
loop_
_pdbx_audit_revision_item.ordinal 
_pdbx_audit_revision_item.revision_ordinal 
_pdbx_audit_revision_item.data_content_type 
_pdbx_audit_revision_item.item 
1  5 'Structure model' '_database_2.pdbx_DOI'                
2  5 'Structure model' '_database_2.pdbx_database_accession' 
3  5 'Structure model' '_struct_conn.pdbx_leaving_atom_flag' 
4  5 'Structure model' '_struct_conn.ptnr1_auth_comp_id'     
5  5 'Structure model' '_struct_conn.ptnr1_auth_seq_id'      
6  5 'Structure model' '_struct_conn.ptnr1_label_asym_id'    
7  5 'Structure model' '_struct_conn.ptnr1_label_atom_id'    
8  5 'Structure model' '_struct_conn.ptnr1_label_comp_id'    
9  5 'Structure model' '_struct_conn.ptnr1_label_seq_id'     
10 5 'Structure model' '_struct_conn.ptnr2_auth_comp_id'     
11 5 'Structure model' '_struct_conn.ptnr2_auth_seq_id'      
12 5 'Structure model' '_struct_conn.ptnr2_label_asym_id'    
13 5 'Structure model' '_struct_conn.ptnr2_label_atom_id'    
14 5 'Structure model' '_struct_conn.ptnr2_label_comp_id'    
15 5 'Structure model' '_struct_conn.ptnr2_label_seq_id'     
16 5 'Structure model' '_struct_site.pdbx_auth_asym_id'      
17 5 'Structure model' '_struct_site.pdbx_auth_comp_id'      
18 5 'Structure model' '_struct_site.pdbx_auth_seq_id'       
# 
_pdbx_database_status.status_code                     REL 
_pdbx_database_status.entry_id                        1B07 
_pdbx_database_status.recvd_initial_deposition_date   1998-11-17 
_pdbx_database_status.deposit_site                    BNL 
_pdbx_database_status.process_site                    RCSB 
_pdbx_database_status.SG_entry                        . 
_pdbx_database_status.status_code_sf                  ? 
_pdbx_database_status.status_code_mr                  ? 
_pdbx_database_status.status_code_cs                  ? 
_pdbx_database_status.pdb_format_compatible           Y 
_pdbx_database_status.status_code_nmr_data            ? 
_pdbx_database_status.methods_development_category    ? 
# 
loop_
_audit_author.name 
_audit_author.pdbx_ordinal 
'Nguyen, J.T.'     1 
'Turck, C.W.'      2 
'Cohen, F.E.'      3 
'Zuckermann, R.N.' 4 
'Lim, W.A.'        5 
# 
_citation.id                        primary 
_citation.title                     
'Exploiting the basis of proline recognition by SH3 and WW domains: design of N-substituted inhibitors.' 
_citation.journal_abbrev            Science 
_citation.journal_volume            282 
_citation.page_first                2088 
_citation.page_last                 2092 
_citation.year                      1998 
_citation.journal_id_ASTM           SCIEAS 
_citation.country                   US 
_citation.journal_id_ISSN           0036-8075 
_citation.journal_id_CSD            0038 
_citation.book_publisher            'American Association for the Advancement of Science Washington, D.C.' 
_citation.pdbx_database_id_PubMed   9851931 
_citation.pdbx_database_id_DOI      10.1126/science.282.5396.2088 
# 
loop_
_citation_author.citation_id 
_citation_author.name 
_citation_author.ordinal 
_citation_author.identifier_ORCID 
primary 'Nguyen, J.T.'     1 ? 
primary 'Turck, C.W.'      2 ? 
primary 'Cohen, F.E.'      3 ? 
primary 'Zuckermann, R.N.' 4 ? 
primary 'Lim, W.A.'        5 ? 
# 
_citation_editor.citation_id   primary 
_citation_editor.name          'Bloom, F.E.' 
_citation_editor.ordinal       1 
# 
loop_
_entity.id 
_entity.type 
_entity.src_method 
_entity.pdbx_description 
_entity.formula_weight 
_entity.pdbx_number_of_molecules 
_entity.pdbx_ec 
_entity.pdbx_mutation 
_entity.pdbx_fragment 
_entity.details 
1 polymer     man 'PROTEIN (PROTO-ONCOGENE CRK (CRK))' 7787.548 1  ? ? 'SH3 DOMAIN' ? 
2 polymer     man 'PROTEIN (SH3 PEPTOID INHIBITOR)'    1425.657 1  ? ? ?            ? 
3 non-polymer syn PHENYLETHANE                         106.165  1  ? ? ?            ? 
4 water       nat water                                18.015   46 ? ? ?            ? 
# 
_entity_name_com.entity_id   1 
_entity_name_com.name        'P38, ADAPTER MOLECULE CRK' 
# 
loop_
_entity_poly.entity_id 
_entity_poly.type 
_entity_poly.nstd_linkage 
_entity_poly.nstd_monomer 
_entity_poly.pdbx_seq_one_letter_code 
_entity_poly.pdbx_seq_one_letter_code_can 
_entity_poly.pdbx_strand_id 
_entity_poly.pdbx_target_identifier 
1 'polypeptide(L)' no no GSAEYVRALFDFNGNDEEDLPFKKGDILRIRDKPEEQWWNAEDSEGKRGMIPVPYVEKYHHHHHH 
GSAEYVRALFDFNGNDEEDLPFKKGDILRIRDKPEEQWWNAEDSEGKRGMIPVPYVEKYHHHHHH A ? 
2 'polypeptide(L)' no no YEVPGPVPPRRR                                                      YEVPGPVPPRRR C ? 
# 
loop_
_pdbx_entity_nonpoly.entity_id 
_pdbx_entity_nonpoly.name 
_pdbx_entity_nonpoly.comp_id 
3 PHENYLETHANE PYJ 
4 water        HOH 
# 
loop_
_entity_poly_seq.entity_id 
_entity_poly_seq.num 
_entity_poly_seq.mon_id 
_entity_poly_seq.hetero 
1 1  GLY n 
1 2  SER n 
1 3  ALA n 
1 4  GLU n 
1 5  TYR n 
1 6  VAL n 
1 7  ARG n 
1 8  ALA n 
1 9  LEU n 
1 10 PHE n 
1 11 ASP n 
1 12 PHE n 
1 13 ASN n 
1 14 GLY n 
1 15 ASN n 
1 16 ASP n 
1 17 GLU n 
1 18 GLU n 
1 19 ASP n 
1 20 LEU n 
1 21 PRO n 
1 22 PHE n 
1 23 LYS n 
1 24 LYS n 
1 25 GLY n 
1 26 ASP n 
1 27 ILE n 
1 28 LEU n 
1 29 ARG n 
1 30 ILE n 
1 31 ARG n 
1 32 ASP n 
1 33 LYS n 
1 34 PRO n 
1 35 GLU n 
1 36 GLU n 
1 37 GLN n 
1 38 TRP n 
1 39 TRP n 
1 40 ASN n 
1 41 ALA n 
1 42 GLU n 
1 43 ASP n 
1 44 SER n 
1 45 GLU n 
1 46 GLY n 
1 47 LYS n 
1 48 ARG n 
1 49 GLY n 
1 50 MET n 
1 51 ILE n 
1 52 PRO n 
1 53 VAL n 
1 54 PRO n 
1 55 TYR n 
1 56 VAL n 
1 57 GLU n 
1 58 LYS n 
1 59 TYR n 
1 60 HIS n 
1 61 HIS n 
1 62 HIS n 
1 63 HIS n 
1 64 HIS n 
1 65 HIS n 
2 1  TYR n 
2 2  GLU n 
2 3  VAL n 
2 4  PRO n 
2 5  GLY n 
2 6  PRO n 
2 7  VAL n 
2 8  PRO n 
2 9  PRO n 
2 10 ARG n 
2 11 ARG n 
2 12 ARG n 
# 
_entity_src_gen.entity_id                          1 
_entity_src_gen.pdbx_src_id                        1 
_entity_src_gen.pdbx_alt_source_flag               sample 
_entity_src_gen.pdbx_seq_type                      ? 
_entity_src_gen.pdbx_beg_seq_num                   ? 
_entity_src_gen.pdbx_end_seq_num                   ? 
_entity_src_gen.gene_src_common_name               'house mouse' 
_entity_src_gen.gene_src_genus                     Mus 
_entity_src_gen.pdbx_gene_src_gene                 ? 
_entity_src_gen.gene_src_species                   ? 
_entity_src_gen.gene_src_strain                    ? 
_entity_src_gen.gene_src_tissue                    ? 
_entity_src_gen.gene_src_tissue_fraction           ? 
_entity_src_gen.gene_src_details                   ? 
_entity_src_gen.pdbx_gene_src_fragment             ? 
_entity_src_gen.pdbx_gene_src_scientific_name      'Mus musculus' 
_entity_src_gen.pdbx_gene_src_ncbi_taxonomy_id     10090 
_entity_src_gen.pdbx_gene_src_variant              ? 
_entity_src_gen.pdbx_gene_src_cell_line            ? 
_entity_src_gen.pdbx_gene_src_atcc                 ? 
_entity_src_gen.pdbx_gene_src_organ                ? 
_entity_src_gen.pdbx_gene_src_organelle            ? 
_entity_src_gen.pdbx_gene_src_cell                 ? 
_entity_src_gen.pdbx_gene_src_cellular_location    ? 
_entity_src_gen.host_org_common_name               ? 
_entity_src_gen.pdbx_host_org_scientific_name      'Escherichia coli' 
_entity_src_gen.pdbx_host_org_ncbi_taxonomy_id     562 
_entity_src_gen.host_org_genus                     Escherichia 
_entity_src_gen.pdbx_host_org_gene                 ? 
_entity_src_gen.pdbx_host_org_organ                ? 
_entity_src_gen.host_org_species                   ? 
_entity_src_gen.pdbx_host_org_tissue               ? 
_entity_src_gen.pdbx_host_org_tissue_fraction      ? 
_entity_src_gen.pdbx_host_org_strain               TG1 
_entity_src_gen.pdbx_host_org_variant              ? 
_entity_src_gen.pdbx_host_org_cell_line            ? 
_entity_src_gen.pdbx_host_org_atcc                 ? 
_entity_src_gen.pdbx_host_org_culture_collection   ? 
_entity_src_gen.pdbx_host_org_cell                 ? 
_entity_src_gen.pdbx_host_org_organelle            ? 
_entity_src_gen.pdbx_host_org_cellular_location    ? 
_entity_src_gen.pdbx_host_org_vector_type          ? 
_entity_src_gen.pdbx_host_org_vector               ? 
_entity_src_gen.host_org_details                   ? 
_entity_src_gen.expression_system_id               ? 
_entity_src_gen.plasmid_name                       ? 
_entity_src_gen.plasmid_details                    ? 
_entity_src_gen.pdbx_description                   ? 
# 
loop_
_chem_comp.id 
_chem_comp.type 
_chem_comp.mon_nstd_flag 
_chem_comp.name 
_chem_comp.pdbx_synonyms 
_chem_comp.formula 
_chem_comp.formula_weight 
ALA 'L-peptide linking' y ALANINE         ? 'C3 H7 N O2'     89.093  
ARG 'L-peptide linking' y ARGININE        ? 'C6 H15 N4 O2 1' 175.209 
ASN 'L-peptide linking' y ASPARAGINE      ? 'C4 H8 N2 O3'    132.118 
ASP 'L-peptide linking' y 'ASPARTIC ACID' ? 'C4 H7 N O4'     133.103 
GLN 'L-peptide linking' y GLUTAMINE       ? 'C5 H10 N2 O3'   146.144 
GLU 'L-peptide linking' y 'GLUTAMIC ACID' ? 'C5 H9 N O4'     147.129 
GLY 'peptide linking'   y GLYCINE         ? 'C2 H5 N O2'     75.067  
HIS 'L-peptide linking' y HISTIDINE       ? 'C6 H10 N3 O2 1' 156.162 
HOH non-polymer         . WATER           ? 'H2 O'           18.015  
ILE 'L-peptide linking' y ISOLEUCINE      ? 'C6 H13 N O2'    131.173 
LEU 'L-peptide linking' y LEUCINE         ? 'C6 H13 N O2'    131.173 
LYS 'L-peptide linking' y LYSINE          ? 'C6 H15 N2 O2 1' 147.195 
MET 'L-peptide linking' y METHIONINE      ? 'C5 H11 N O2 S'  149.211 
PHE 'L-peptide linking' y PHENYLALANINE   ? 'C9 H11 N O2'    165.189 
PRO 'L-peptide linking' y PROLINE         ? 'C5 H9 N O2'     115.130 
PYJ non-polymer         . PHENYLETHANE    ? 'C8 H10'         106.165 
SER 'L-peptide linking' y SERINE          ? 'C3 H7 N O3'     105.093 
TRP 'L-peptide linking' y TRYPTOPHAN      ? 'C11 H12 N2 O2'  204.225 
TYR 'L-peptide linking' y TYROSINE        ? 'C9 H11 N O3'    181.189 
VAL 'L-peptide linking' y VALINE          ? 'C5 H11 N O2'    117.146 
# 
loop_
_pdbx_poly_seq_scheme.asym_id 
_pdbx_poly_seq_scheme.entity_id 
_pdbx_poly_seq_scheme.seq_id 
_pdbx_poly_seq_scheme.mon_id 
_pdbx_poly_seq_scheme.ndb_seq_num 
_pdbx_poly_seq_scheme.pdb_seq_num 
_pdbx_poly_seq_scheme.auth_seq_num 
_pdbx_poly_seq_scheme.pdb_mon_id 
_pdbx_poly_seq_scheme.auth_mon_id 
_pdbx_poly_seq_scheme.pdb_strand_id 
_pdbx_poly_seq_scheme.pdb_ins_code 
_pdbx_poly_seq_scheme.hetero 
A 1 1  GLY 1  132 ?   ?   ?   A . n 
A 1 2  SER 2  133 133 SER SER A . n 
A 1 3  ALA 3  134 134 ALA ALA A . n 
A 1 4  GLU 4  135 135 GLU GLU A . n 
A 1 5  TYR 5  136 136 TYR TYR A . n 
A 1 6  VAL 6  137 137 VAL VAL A . n 
A 1 7  ARG 7  138 138 ARG ARG A . n 
A 1 8  ALA 8  139 139 ALA ALA A . n 
A 1 9  LEU 9  140 140 LEU LEU A . n 
A 1 10 PHE 10 141 141 PHE PHE A . n 
A 1 11 ASP 11 142 142 ASP ASP A . n 
A 1 12 PHE 12 143 143 PHE PHE A . n 
A 1 13 ASN 13 144 144 ASN ASN A . n 
A 1 14 GLY 14 145 145 GLY GLY A . n 
A 1 15 ASN 15 146 146 ASN ASN A . n 
A 1 16 ASP 16 147 147 ASP ASP A . n 
A 1 17 GLU 17 148 148 GLU GLU A . n 
A 1 18 GLU 18 149 149 GLU GLU A . n 
A 1 19 ASP 19 150 150 ASP ASP A . n 
A 1 20 LEU 20 151 151 LEU LEU A . n 
A 1 21 PRO 21 152 152 PRO PRO A . n 
A 1 22 PHE 22 153 153 PHE PHE A . n 
A 1 23 LYS 23 154 154 LYS LYS A . n 
A 1 24 LYS 24 155 155 LYS LYS A . n 
A 1 25 GLY 25 156 156 GLY GLY A . n 
A 1 26 ASP 26 157 157 ASP ASP A . n 
A 1 27 ILE 27 158 158 ILE ILE A . n 
A 1 28 LEU 28 159 159 LEU LEU A . n 
A 1 29 ARG 29 160 160 ARG ARG A . n 
A 1 30 ILE 30 161 161 ILE ILE A . n 
A 1 31 ARG 31 162 162 ARG ARG A . n 
A 1 32 ASP 32 163 163 ASP ASP A . n 
A 1 33 LYS 33 164 164 LYS LYS A . n 
A 1 34 PRO 34 165 165 PRO PRO A . n 
A 1 35 GLU 35 166 166 GLU GLU A . n 
A 1 36 GLU 36 167 167 GLU GLU A . n 
A 1 37 GLN 37 168 168 GLN GLN A . n 
A 1 38 TRP 38 169 169 TRP TRP A . n 
A 1 39 TRP 39 170 170 TRP TRP A . n 
A 1 40 ASN 40 171 171 ASN ASN A . n 
A 1 41 ALA 41 172 172 ALA ALA A . n 
A 1 42 GLU 42 173 173 GLU GLU A . n 
A 1 43 ASP 43 174 174 ASP ASP A . n 
A 1 44 SER 44 175 175 SER SER A . n 
A 1 45 GLU 45 176 176 GLU GLU A . n 
A 1 46 GLY 46 177 177 GLY GLY A . n 
A 1 47 LYS 47 178 178 LYS LYS A . n 
A 1 48 ARG 48 179 179 ARG ARG A . n 
A 1 49 GLY 49 180 180 GLY GLY A . n 
A 1 50 MET 50 181 181 MET MET A . n 
A 1 51 ILE 51 182 182 ILE ILE A . n 
A 1 52 PRO 52 183 183 PRO PRO A . n 
A 1 53 VAL 53 184 184 VAL VAL A . n 
A 1 54 PRO 54 185 185 PRO PRO A . n 
A 1 55 TYR 55 186 186 TYR TYR A . n 
A 1 56 VAL 56 187 187 VAL VAL A . n 
A 1 57 GLU 57 188 188 GLU GLU A . n 
A 1 58 LYS 58 189 189 LYS LYS A . n 
A 1 59 TYR 59 190 190 TYR TYR A . n 
A 1 60 HIS 60 191 191 HIS HIS A . n 
A 1 61 HIS 61 192 ?   ?   ?   A . n 
A 1 62 HIS 62 193 ?   ?   ?   A . n 
A 1 63 HIS 63 194 ?   ?   ?   A . n 
A 1 64 HIS 64 195 ?   ?   ?   A . n 
A 1 65 HIS 65 196 ?   ?   ?   A . n 
B 2 1  TYR 1  1   ?   ?   ?   C . n 
B 2 2  GLU 2  2   2   GLU GLU C . n 
B 2 3  VAL 3  3   3   VAL VAL C . n 
B 2 4  PRO 4  4   4   PRO PRO C . n 
B 2 5  GLY 5  5   5   GLY GLY C . n 
B 2 6  PRO 6  6   6   PRO PRO C . n 
B 2 7  VAL 7  7   7   VAL VAL C . n 
B 2 8  PRO 8  8   8   PRO PRO C . n 
B 2 9  PRO 9  9   9   PRO PRO C . n 
B 2 10 ARG 10 10  10  ARG ARG C . n 
B 2 11 ARG 11 11  11  ARG ARG C . n 
B 2 12 ARG 12 12  ?   ?   ?   C . n 
# 
loop_
_pdbx_nonpoly_scheme.asym_id 
_pdbx_nonpoly_scheme.entity_id 
_pdbx_nonpoly_scheme.mon_id 
_pdbx_nonpoly_scheme.ndb_seq_num 
_pdbx_nonpoly_scheme.pdb_seq_num 
_pdbx_nonpoly_scheme.auth_seq_num 
_pdbx_nonpoly_scheme.pdb_mon_id 
_pdbx_nonpoly_scheme.auth_mon_id 
_pdbx_nonpoly_scheme.pdb_strand_id 
_pdbx_nonpoly_scheme.pdb_ins_code 
C 3 PYJ 1  1005 1005 PYJ PYJ C . 
D 4 HOH 1  21   21   HOH HOH A . 
D 4 HOH 2  22   22   HOH HOH A . 
D 4 HOH 3  23   23   HOH HOH A . 
D 4 HOH 4  24   24   HOH HOH A . 
D 4 HOH 5  25   25   HOH HOH A . 
D 4 HOH 6  29   29   HOH HOH A . 
D 4 HOH 7  30   30   HOH HOH A . 
D 4 HOH 8  31   31   HOH HOH A . 
D 4 HOH 9  32   32   HOH HOH A . 
D 4 HOH 10 33   33   HOH HOH A . 
D 4 HOH 11 35   35   HOH HOH A . 
D 4 HOH 12 36   36   HOH HOH A . 
D 4 HOH 13 37   37   HOH HOH A . 
D 4 HOH 14 38   38   HOH HOH A . 
D 4 HOH 15 40   40   HOH HOH A . 
D 4 HOH 16 41   41   HOH HOH A . 
D 4 HOH 17 42   42   HOH HOH A . 
D 4 HOH 18 43   43   HOH HOH A . 
D 4 HOH 19 44   44   HOH HOH A . 
D 4 HOH 20 45   45   HOH HOH A . 
D 4 HOH 21 46   46   HOH HOH A . 
D 4 HOH 22 47   47   HOH HOH A . 
D 4 HOH 23 48   48   HOH HOH A . 
D 4 HOH 24 49   49   HOH HOH A . 
D 4 HOH 25 51   51   HOH HOH A . 
D 4 HOH 26 52   52   HOH HOH A . 
D 4 HOH 27 54   54   HOH HOH A . 
D 4 HOH 28 55   55   HOH HOH A . 
D 4 HOH 29 56   56   HOH HOH A . 
D 4 HOH 30 59   59   HOH HOH A . 
D 4 HOH 31 61   61   HOH HOH A . 
D 4 HOH 32 62   62   HOH HOH A . 
D 4 HOH 33 63   63   HOH HOH A . 
D 4 HOH 34 64   64   HOH HOH A . 
D 4 HOH 35 65   65   HOH HOH A . 
D 4 HOH 36 66   66   HOH HOH A . 
E 4 HOH 1  26   26   HOH HOH C . 
E 4 HOH 2  27   27   HOH HOH C . 
E 4 HOH 3  28   28   HOH HOH C . 
E 4 HOH 4  34   34   HOH HOH C . 
E 4 HOH 5  39   39   HOH HOH C . 
E 4 HOH 6  50   50   HOH HOH C . 
E 4 HOH 7  53   53   HOH HOH C . 
E 4 HOH 8  57   57   HOH HOH C . 
E 4 HOH 9  58   58   HOH HOH C . 
E 4 HOH 10 60   60   HOH HOH C . 
# 
loop_
_pdbx_unobs_or_zero_occ_atoms.id 
_pdbx_unobs_or_zero_occ_atoms.PDB_model_num 
_pdbx_unobs_or_zero_occ_atoms.polymer_flag 
_pdbx_unobs_or_zero_occ_atoms.occupancy_flag 
_pdbx_unobs_or_zero_occ_atoms.auth_asym_id 
_pdbx_unobs_or_zero_occ_atoms.auth_comp_id 
_pdbx_unobs_or_zero_occ_atoms.auth_seq_id 
_pdbx_unobs_or_zero_occ_atoms.PDB_ins_code 
_pdbx_unobs_or_zero_occ_atoms.auth_atom_id 
_pdbx_unobs_or_zero_occ_atoms.label_alt_id 
_pdbx_unobs_or_zero_occ_atoms.label_asym_id 
_pdbx_unobs_or_zero_occ_atoms.label_comp_id 
_pdbx_unobs_or_zero_occ_atoms.label_seq_id 
_pdbx_unobs_or_zero_occ_atoms.label_atom_id 
1  1 Y 1 C GLU 2  ? CG  ? B GLU 2  CG  
2  1 Y 1 C GLU 2  ? CD  ? B GLU 2  CD  
3  1 Y 1 C GLU 2  ? OE1 ? B GLU 2  OE1 
4  1 Y 1 C GLU 2  ? OE2 ? B GLU 2  OE2 
5  1 Y 1 C VAL 3  ? CG1 ? B VAL 3  CG1 
6  1 Y 1 C VAL 3  ? CG2 ? B VAL 3  CG2 
7  1 Y 1 C GLY 5  ? O   ? B GLY 5  O   
8  1 Y 1 C ARG 11 ? CG  ? B ARG 11 CG  
9  1 Y 1 C ARG 11 ? CD  ? B ARG 11 CD  
10 1 Y 1 C ARG 11 ? NE  ? B ARG 11 NE  
11 1 Y 1 C ARG 11 ? CZ  ? B ARG 11 CZ  
12 1 Y 1 C ARG 11 ? NH1 ? B ARG 11 NH1 
13 1 Y 1 C ARG 11 ? NH2 ? B ARG 11 NH2 
# 
loop_
_software.name 
_software.classification 
_software.version 
_software.citation_id 
_software.pdbx_ordinal 
AMoRE     phasing          .     ? 1 
X-PLOR    refinement       3.843 ? 2 
DENZO     'data reduction' .     ? 3 
SCALEPACK 'data scaling'   .     ? 4 
# 
_cell.entry_id           1B07 
_cell.length_a           36.800 
_cell.length_b           36.800 
_cell.length_c           52.600 
_cell.angle_alpha        90.00 
_cell.angle_beta         90.00 
_cell.angle_gamma        90.00 
_cell.Z_PDB              4 
_cell.pdbx_unique_axis   ? 
# 
_symmetry.entry_id                         1B07 
_symmetry.space_group_name_H-M             'P 43' 
_symmetry.pdbx_full_space_group_name_H-M   ? 
_symmetry.cell_setting                     ? 
_symmetry.Int_Tables_number                78 
# 
_exptl.entry_id          1B07 
_exptl.method            'X-RAY DIFFRACTION' 
_exptl.crystals_number   1 
# 
_exptl_crystal.id                    1 
_exptl_crystal.density_meas          ? 
_exptl_crystal.density_Matthews      1.93 
_exptl_crystal.density_percent_sol   36.31 
_exptl_crystal.description           ? 
# 
_exptl_crystal_grow.crystal_id      1 
_exptl_crystal_grow.method          ? 
_exptl_crystal_grow.temp            ? 
_exptl_crystal_grow.temp_details    ? 
_exptl_crystal_grow.pH              6.00 
_exptl_crystal_grow.pdbx_details    '29% PEG4000, 0.2 M AMMONIUM ACETATE, PH 6.0, pH 6.00' 
_exptl_crystal_grow.pdbx_pH_range   . 
# 
_diffrn.id                     1 
_diffrn.ambient_temp           123.0 
_diffrn.ambient_temp_details   ? 
_diffrn.crystal_id             1 
# 
_diffrn_detector.diffrn_id              1 
_diffrn_detector.detector               'IMAGE PLATE' 
_diffrn_detector.type                   MARRESEARCH 
_diffrn_detector.pdbx_collection_date   1998-04-15 
_diffrn_detector.details                ? 
# 
_diffrn_radiation.diffrn_id                        1 
_diffrn_radiation.wavelength_id                    1 
_diffrn_radiation.pdbx_monochromatic_or_laue_m_l   M 
_diffrn_radiation.monochromator                    ? 
_diffrn_radiation.pdbx_diffrn_protocol             'SINGLE WAVELENGTH' 
_diffrn_radiation.pdbx_scattering_type             x-ray 
# 
_diffrn_radiation_wavelength.id           1 
_diffrn_radiation_wavelength.wavelength   1.08 
_diffrn_radiation_wavelength.wt           1.0 
# 
_diffrn_source.diffrn_id                   1 
_diffrn_source.source                      SYNCHROTRON 
_diffrn_source.type                        'SSRL BEAMLINE BL7-1' 
_diffrn_source.pdbx_synchrotron_site       SSRL 
_diffrn_source.pdbx_synchrotron_beamline   BL7-1 
_diffrn_source.pdbx_wavelength             1.08 
_diffrn_source.pdbx_wavelength_list        ? 
# 
_reflns.entry_id                     1B07 
_reflns.observed_criterion_sigma_I   0.000 
_reflns.observed_criterion_sigma_F   ? 
_reflns.d_resolution_low             30.000 
_reflns.d_resolution_high            2.500 
_reflns.number_obs                   15685 
_reflns.number_all                   ? 
_reflns.percent_possible_obs         92.0 
_reflns.pdbx_Rmerge_I_obs            ? 
_reflns.pdbx_Rsym_value              0.062 
_reflns.pdbx_netI_over_sigmaI        ? 
_reflns.B_iso_Wilson_estimate        ? 
_reflns.pdbx_redundancy              8.000 
_reflns.R_free_details               ? 
_reflns.pdbx_ordinal                 1 
_reflns.pdbx_diffrn_id               1 
# 
_reflns_shell.d_res_high             2.50 
_reflns_shell.d_res_low              2.54 
_reflns_shell.percent_possible_all   81.8 
_reflns_shell.Rmerge_I_obs           ? 
_reflns_shell.pdbx_Rsym_value        0.075 
_reflns_shell.meanI_over_sigI_obs    ? 
_reflns_shell.pdbx_redundancy        8.00 
_reflns_shell.percent_possible_obs   ? 
_reflns_shell.number_unique_all      ? 
_reflns_shell.pdbx_ordinal           1 
_reflns_shell.pdbx_diffrn_id         1 
# 
_refine.entry_id                                 1B07 
_refine.ls_number_reflns_obs                     2277 
_refine.ls_number_reflns_all                     ? 
_refine.pdbx_ls_sigma_I                          ? 
_refine.pdbx_ls_sigma_F                          0.000 
_refine.pdbx_data_cutoff_high_absF               10000000.000 
_refine.pdbx_data_cutoff_low_absF                0.0010 
_refine.pdbx_data_cutoff_high_rms_absF           ? 
_refine.ls_d_res_low                             30.0 
_refine.ls_d_res_high                            2.50 
_refine.ls_percent_reflns_obs                    92.0 
_refine.ls_R_factor_obs                          0.242 
_refine.ls_R_factor_all                          ? 
_refine.ls_R_factor_R_work                       0.242 
_refine.ls_R_factor_R_free                       0.354 
_refine.ls_R_factor_R_free_error                 ? 
_refine.ls_R_factor_R_free_error_details         ? 
_refine.ls_percent_reflns_R_free                 10.100 
_refine.ls_number_reflns_R_free                  229 
_refine.ls_number_parameters                     ? 
_refine.ls_number_restraints                     ? 
_refine.occupancy_min                            ? 
_refine.occupancy_max                            ? 
_refine.B_iso_mean                               ? 
_refine.aniso_B[1][1]                            ? 
_refine.aniso_B[2][2]                            ? 
_refine.aniso_B[3][3]                            ? 
_refine.aniso_B[1][2]                            ? 
_refine.aniso_B[1][3]                            ? 
_refine.aniso_B[2][3]                            ? 
_refine.solvent_model_details                    ? 
_refine.solvent_model_param_ksol                 ? 
_refine.solvent_model_param_bsol                 ? 
_refine.pdbx_ls_cross_valid_method               THROUGHOUT 
_refine.details                                  ? 
_refine.pdbx_starting_model                      1CKB 
_refine.pdbx_method_to_determine_struct          'MOLECULAR REPLACEMENT' 
_refine.pdbx_isotropic_thermal_model             ? 
_refine.pdbx_stereochemistry_target_values       ? 
_refine.pdbx_stereochem_target_val_spec_case     ? 
_refine.pdbx_R_Free_selection_details            ? 
_refine.pdbx_overall_ESU_R                       ? 
_refine.pdbx_overall_ESU_R_Free                  ? 
_refine.overall_SU_ML                            ? 
_refine.overall_SU_B                             ? 
_refine.ls_redundancy_reflns_obs                 ? 
_refine.pdbx_refine_id                           'X-RAY DIFFRACTION' 
_refine.pdbx_diffrn_id                           1 
_refine.pdbx_TLS_residual_ADP_flag               ? 
_refine.correlation_coeff_Fo_to_Fc               ? 
_refine.correlation_coeff_Fo_to_Fc_free          ? 
_refine.pdbx_solvent_vdw_probe_radii             ? 
_refine.pdbx_solvent_ion_probe_radii             ? 
_refine.pdbx_solvent_shrinkage_radii             ? 
_refine.pdbx_overall_phase_error                 ? 
_refine.overall_SU_R_Cruickshank_DPI             ? 
_refine.pdbx_overall_SU_R_free_Cruickshank_DPI   ? 
_refine.pdbx_overall_SU_R_Blow_DPI               ? 
_refine.pdbx_overall_SU_R_free_Blow_DPI          ? 
# 
_refine_hist.pdbx_refine_id                   'X-RAY DIFFRACTION' 
_refine_hist.cycle_id                         LAST 
_refine_hist.pdbx_number_atoms_protein        561 
_refine_hist.pdbx_number_atoms_nucleic_acid   0 
_refine_hist.pdbx_number_atoms_ligand         8 
_refine_hist.number_atoms_solvent             46 
_refine_hist.number_atoms_total               615 
_refine_hist.d_res_high                       2.50 
_refine_hist.d_res_low                        30.0 
# 
loop_
_refine_ls_restr.type 
_refine_ls_restr.dev_ideal 
_refine_ls_restr.dev_ideal_target 
_refine_ls_restr.weight 
_refine_ls_restr.number 
_refine_ls_restr.pdbx_refine_id 
_refine_ls_restr.pdbx_restraint_function 
x_bond_d                0.006 ? ? ? 'X-RAY DIFFRACTION' ? 
x_bond_d_na             ?     ? ? ? 'X-RAY DIFFRACTION' ? 
x_bond_d_prot           ?     ? ? ? 'X-RAY DIFFRACTION' ? 
x_angle_d               ?     ? ? ? 'X-RAY DIFFRACTION' ? 
x_angle_d_na            ?     ? ? ? 'X-RAY DIFFRACTION' ? 
x_angle_d_prot          ?     ? ? ? 'X-RAY DIFFRACTION' ? 
x_angle_deg             1.14  ? ? ? 'X-RAY DIFFRACTION' ? 
x_angle_deg_na          ?     ? ? ? 'X-RAY DIFFRACTION' ? 
x_angle_deg_prot        ?     ? ? ? 'X-RAY DIFFRACTION' ? 
x_dihedral_angle_d      ?     ? ? ? 'X-RAY DIFFRACTION' ? 
x_dihedral_angle_d_na   ?     ? ? ? 'X-RAY DIFFRACTION' ? 
x_dihedral_angle_d_prot ?     ? ? ? 'X-RAY DIFFRACTION' ? 
x_improper_angle_d      ?     ? ? ? 'X-RAY DIFFRACTION' ? 
x_improper_angle_d_na   ?     ? ? ? 'X-RAY DIFFRACTION' ? 
x_improper_angle_d_prot ?     ? ? ? 'X-RAY DIFFRACTION' ? 
x_mcbond_it             ?     ? ? ? 'X-RAY DIFFRACTION' ? 
x_mcangle_it            ?     ? ? ? 'X-RAY DIFFRACTION' ? 
x_scbond_it             ?     ? ? ? 'X-RAY DIFFRACTION' ? 
x_scangle_it            ?     ? ? ? 'X-RAY DIFFRACTION' ? 
# 
_refine_ls_shell.pdbx_total_number_of_bins_used   8 
_refine_ls_shell.d_res_high                       2.50 
_refine_ls_shell.d_res_low                        2.61 
_refine_ls_shell.number_reflns_R_work             276 
_refine_ls_shell.R_factor_R_work                  0.317 
_refine_ls_shell.percent_reflns_obs               ? 
_refine_ls_shell.R_factor_R_free                  0.484 
_refine_ls_shell.R_factor_R_free_error            ? 
_refine_ls_shell.percent_reflns_R_free            9.80 
_refine_ls_shell.number_reflns_R_free             30 
_refine_ls_shell.redundancy_reflns_obs            ? 
_refine_ls_shell.pdbx_refine_id                   'X-RAY DIFFRACTION' 
_refine_ls_shell.number_reflns_all                ? 
_refine_ls_shell.R_factor_all                     ? 
# 
_struct.entry_id                  1B07 
_struct.title                     'CRK SH3 DOMAIN COMPLEXED WITH PEPTOID INHIBITOR' 
_struct.pdbx_model_details        ? 
_struct.pdbx_CASP_flag            ? 
_struct.pdbx_model_type_details   ? 
# 
_struct_keywords.entry_id        1B07 
_struct_keywords.pdbx_keywords   'SH3 DOMAIN' 
_struct_keywords.text            
'SH3 DOMAIN, INHIBITORS, PEPTOIDS, PROTEIN-PROTEIN RECOGNITION, PROLINE-RICH MOTIFS, SIGNAL TRANSDUCTION' 
# 
loop_
_struct_asym.id 
_struct_asym.pdbx_blank_PDB_chainid_flag 
_struct_asym.pdbx_modified 
_struct_asym.entity_id 
_struct_asym.details 
A N N 1 ? 
B N N 2 ? 
C N N 3 ? 
D N N 4 ? 
E N N 4 ? 
# 
loop_
_struct_ref.id 
_struct_ref.db_name 
_struct_ref.db_code 
_struct_ref.pdbx_db_accession 
_struct_ref.entity_id 
_struct_ref.pdbx_align_begin 
_struct_ref.pdbx_db_isoform 
_struct_ref.pdbx_seq_one_letter_code 
1 UNP CRK_MOUSE Q64010 1 134 ? ? 
2 PDB 1B07      1B07   2 ?   ? ? 
# 
loop_
_struct_ref_seq.align_id 
_struct_ref_seq.ref_id 
_struct_ref_seq.pdbx_PDB_id_code 
_struct_ref_seq.pdbx_strand_id 
_struct_ref_seq.seq_align_beg 
_struct_ref_seq.pdbx_seq_align_beg_ins_code 
_struct_ref_seq.seq_align_end 
_struct_ref_seq.pdbx_seq_align_end_ins_code 
_struct_ref_seq.pdbx_db_accession 
_struct_ref_seq.db_align_beg 
_struct_ref_seq.pdbx_db_align_beg_ins_code 
_struct_ref_seq.db_align_end 
_struct_ref_seq.pdbx_db_align_end_ins_code 
_struct_ref_seq.pdbx_auth_seq_align_beg 
_struct_ref_seq.pdbx_auth_seq_align_end 
1 1 1B07 A 3 ? 59 ? Q64010 134 ? 190 ? 134 190 
2 2 1B07 C 1 ? 12 ? 1B07   1   ? 12  ? 1   12  
# 
_pdbx_struct_assembly.id                   1 
_pdbx_struct_assembly.details              author_and_software_defined_assembly 
_pdbx_struct_assembly.method_details       PISA 
_pdbx_struct_assembly.oligomeric_details   dimeric 
_pdbx_struct_assembly.oligomeric_count     2 
# 
loop_
_pdbx_struct_assembly_prop.biol_id 
_pdbx_struct_assembly_prop.type 
_pdbx_struct_assembly_prop.value 
_pdbx_struct_assembly_prop.details 
1 'ABSA (A^2)' 980  ? 
1 MORE         -8   ? 
1 'SSA (A^2)'  4710 ? 
# 
_pdbx_struct_assembly_gen.assembly_id       1 
_pdbx_struct_assembly_gen.oper_expression   1 
_pdbx_struct_assembly_gen.asym_id_list      A,B,C,D,E 
# 
_pdbx_struct_oper_list.id                   1 
_pdbx_struct_oper_list.type                 'identity operation' 
_pdbx_struct_oper_list.name                 1_555 
_pdbx_struct_oper_list.symmetry_operation   x,y,z 
_pdbx_struct_oper_list.matrix[1][1]         1.0000000000 
_pdbx_struct_oper_list.matrix[1][2]         0.0000000000 
_pdbx_struct_oper_list.matrix[1][3]         0.0000000000 
_pdbx_struct_oper_list.vector[1]            0.0000000000 
_pdbx_struct_oper_list.matrix[2][1]         0.0000000000 
_pdbx_struct_oper_list.matrix[2][2]         1.0000000000 
_pdbx_struct_oper_list.matrix[2][3]         0.0000000000 
_pdbx_struct_oper_list.vector[2]            0.0000000000 
_pdbx_struct_oper_list.matrix[3][1]         0.0000000000 
_pdbx_struct_oper_list.matrix[3][2]         0.0000000000 
_pdbx_struct_oper_list.matrix[3][3]         1.0000000000 
_pdbx_struct_oper_list.vector[3]            0.0000000000 
# 
_struct_biol.id   1 
# 
_struct_conf.conf_type_id            HELX_P 
_struct_conf.id                      HELX_P1 
_struct_conf.pdbx_PDB_helix_id       1 
_struct_conf.beg_label_comp_id       VAL 
_struct_conf.beg_label_asym_id       A 
_struct_conf.beg_label_seq_id        53 
_struct_conf.pdbx_beg_PDB_ins_code   ? 
_struct_conf.end_label_comp_id       TYR 
_struct_conf.end_label_asym_id       A 
_struct_conf.end_label_seq_id        55 
_struct_conf.pdbx_end_PDB_ins_code   ? 
_struct_conf.beg_auth_comp_id        VAL 
_struct_conf.beg_auth_asym_id        A 
_struct_conf.beg_auth_seq_id         184 
_struct_conf.end_auth_comp_id        TYR 
_struct_conf.end_auth_asym_id        A 
_struct_conf.end_auth_seq_id         186 
_struct_conf.pdbx_PDB_helix_class    5 
_struct_conf.details                 ? 
_struct_conf.pdbx_PDB_helix_length   3 
# 
_struct_conf_type.id          HELX_P 
_struct_conf_type.criteria    ? 
_struct_conf_type.reference   ? 
# 
_struct_conn.id                            covale1 
_struct_conn.conn_type_id                  covale 
_struct_conn.pdbx_leaving_atom_flag        one 
_struct_conn.pdbx_PDB_id                   ? 
_struct_conn.ptnr1_label_asym_id           B 
_struct_conn.ptnr1_label_comp_id           GLY 
_struct_conn.ptnr1_label_seq_id            5 
_struct_conn.ptnr1_label_atom_id           N 
_struct_conn.pdbx_ptnr1_label_alt_id       ? 
_struct_conn.pdbx_ptnr1_PDB_ins_code       ? 
_struct_conn.pdbx_ptnr1_standard_comp_id   ? 
_struct_conn.ptnr1_symmetry                1_555 
_struct_conn.ptnr2_label_asym_id           C 
_struct_conn.ptnr2_label_comp_id           PYJ 
_struct_conn.ptnr2_label_seq_id            . 
_struct_conn.ptnr2_label_atom_id           CB 
_struct_conn.pdbx_ptnr2_label_alt_id       ? 
_struct_conn.pdbx_ptnr2_PDB_ins_code       ? 
_struct_conn.ptnr1_auth_asym_id            C 
_struct_conn.ptnr1_auth_comp_id            GLY 
_struct_conn.ptnr1_auth_seq_id             5 
_struct_conn.ptnr2_auth_asym_id            C 
_struct_conn.ptnr2_auth_comp_id            PYJ 
_struct_conn.ptnr2_auth_seq_id             1005 
_struct_conn.ptnr2_symmetry                1_555 
_struct_conn.pdbx_ptnr3_label_atom_id      ? 
_struct_conn.pdbx_ptnr3_label_seq_id       ? 
_struct_conn.pdbx_ptnr3_label_comp_id      ? 
_struct_conn.pdbx_ptnr3_label_asym_id      ? 
_struct_conn.pdbx_ptnr3_label_alt_id       ? 
_struct_conn.pdbx_ptnr3_PDB_ins_code       ? 
_struct_conn.details                       ? 
_struct_conn.pdbx_dist_value               1.470 
_struct_conn.pdbx_value_order              ? 
_struct_conn.pdbx_role                     ? 
# 
_struct_conn_type.id          covale 
_struct_conn_type.criteria    ? 
_struct_conn_type.reference   ? 
# 
_pdbx_modification_feature.ordinal                            1 
_pdbx_modification_feature.label_comp_id                      PYJ 
_pdbx_modification_feature.label_asym_id                      C 
_pdbx_modification_feature.label_seq_id                       . 
_pdbx_modification_feature.label_alt_id                       ? 
_pdbx_modification_feature.modified_residue_label_comp_id     GLY 
_pdbx_modification_feature.modified_residue_label_asym_id     B 
_pdbx_modification_feature.modified_residue_label_seq_id      5 
_pdbx_modification_feature.modified_residue_label_alt_id      ? 
_pdbx_modification_feature.auth_comp_id                       PYJ 
_pdbx_modification_feature.auth_asym_id                       C 
_pdbx_modification_feature.auth_seq_id                        1005 
_pdbx_modification_feature.PDB_ins_code                       ? 
_pdbx_modification_feature.symmetry                           1_555 
_pdbx_modification_feature.modified_residue_auth_comp_id      GLY 
_pdbx_modification_feature.modified_residue_auth_asym_id      C 
_pdbx_modification_feature.modified_residue_auth_seq_id       5 
_pdbx_modification_feature.modified_residue_PDB_ins_code      ? 
_pdbx_modification_feature.modified_residue_symmetry          1_555 
_pdbx_modification_feature.comp_id_linking_atom               CB 
_pdbx_modification_feature.modified_residue_id_linking_atom   N 
_pdbx_modification_feature.modified_residue_id                GLY 
_pdbx_modification_feature.ref_pcm_id                         1 
_pdbx_modification_feature.ref_comp_id                        PYJ 
_pdbx_modification_feature.type                               None 
_pdbx_modification_feature.category                           'Covalent chemical modification' 
# 
_struct_sheet.id               A 
_struct_sheet.type             ? 
_struct_sheet.number_strands   5 
_struct_sheet.details          ? 
# 
loop_
_struct_sheet_order.sheet_id 
_struct_sheet_order.range_id_1 
_struct_sheet_order.range_id_2 
_struct_sheet_order.offset 
_struct_sheet_order.sense 
A 1 2 ? anti-parallel 
A 2 3 ? anti-parallel 
A 3 4 ? anti-parallel 
A 4 5 ? anti-parallel 
# 
loop_
_struct_sheet_range.sheet_id 
_struct_sheet_range.id 
_struct_sheet_range.beg_label_comp_id 
_struct_sheet_range.beg_label_asym_id 
_struct_sheet_range.beg_label_seq_id 
_struct_sheet_range.pdbx_beg_PDB_ins_code 
_struct_sheet_range.end_label_comp_id 
_struct_sheet_range.end_label_asym_id 
_struct_sheet_range.end_label_seq_id 
_struct_sheet_range.pdbx_end_PDB_ins_code 
_struct_sheet_range.beg_auth_comp_id 
_struct_sheet_range.beg_auth_asym_id 
_struct_sheet_range.beg_auth_seq_id 
_struct_sheet_range.end_auth_comp_id 
_struct_sheet_range.end_auth_asym_id 
_struct_sheet_range.end_auth_seq_id 
A 1 VAL A 56 ? LYS A 58 ? VAL A 187 LYS A 189 
A 2 TYR A 5  ? ALA A 8  ? TYR A 136 ALA A 139 
A 3 ILE A 27 ? ASP A 32 ? ILE A 158 ASP A 163 
A 4 TRP A 38 ? GLU A 42 ? TRP A 169 GLU A 173 
A 5 ARG A 48 ? PRO A 52 ? ARG A 179 PRO A 183 
# 
loop_
_pdbx_struct_sheet_hbond.sheet_id 
_pdbx_struct_sheet_hbond.range_id_1 
_pdbx_struct_sheet_hbond.range_id_2 
_pdbx_struct_sheet_hbond.range_1_label_atom_id 
_pdbx_struct_sheet_hbond.range_1_label_comp_id 
_pdbx_struct_sheet_hbond.range_1_label_asym_id 
_pdbx_struct_sheet_hbond.range_1_label_seq_id 
_pdbx_struct_sheet_hbond.range_1_PDB_ins_code 
_pdbx_struct_sheet_hbond.range_1_auth_atom_id 
_pdbx_struct_sheet_hbond.range_1_auth_comp_id 
_pdbx_struct_sheet_hbond.range_1_auth_asym_id 
_pdbx_struct_sheet_hbond.range_1_auth_seq_id 
_pdbx_struct_sheet_hbond.range_2_label_atom_id 
_pdbx_struct_sheet_hbond.range_2_label_comp_id 
_pdbx_struct_sheet_hbond.range_2_label_asym_id 
_pdbx_struct_sheet_hbond.range_2_label_seq_id 
_pdbx_struct_sheet_hbond.range_2_PDB_ins_code 
_pdbx_struct_sheet_hbond.range_2_auth_atom_id 
_pdbx_struct_sheet_hbond.range_2_auth_comp_id 
_pdbx_struct_sheet_hbond.range_2_auth_asym_id 
_pdbx_struct_sheet_hbond.range_2_auth_seq_id 
A 1 2 O GLU A 57 ? O GLU A 188 N ARG A 7  ? N ARG A 138 
A 2 3 O VAL A 6  ? O VAL A 137 N LEU A 28 ? N LEU A 159 
A 3 4 O ARG A 29 ? O ARG A 160 N GLU A 42 ? N GLU A 173 
A 4 5 O TRP A 39 ? O TRP A 170 N ILE A 51 ? N ILE A 182 
# 
_struct_site.id                   AC1 
_struct_site.pdbx_evidence_code   Software 
_struct_site.pdbx_auth_asym_id    C 
_struct_site.pdbx_auth_comp_id    PYJ 
_struct_site.pdbx_auth_seq_id     1005 
_struct_site.pdbx_auth_ins_code   ? 
_struct_site.pdbx_num_residues    7 
_struct_site.details              'BINDING SITE FOR RESIDUE PYJ C 1005' 
# 
loop_
_struct_site_gen.id 
_struct_site_gen.site_id 
_struct_site_gen.pdbx_num_res 
_struct_site_gen.label_comp_id 
_struct_site_gen.label_asym_id 
_struct_site_gen.label_seq_id 
_struct_site_gen.pdbx_auth_ins_code 
_struct_site_gen.auth_comp_id 
_struct_site_gen.auth_asym_id 
_struct_site_gen.auth_seq_id 
_struct_site_gen.label_atom_id 
_struct_site_gen.label_alt_id 
_struct_site_gen.symmetry 
_struct_site_gen.details 
1 AC1 7 ILE A 27 ? ILE A 158 . ? 4_565 ? 
2 AC1 7 ARG A 29 ? ARG A 160 . ? 4_565 ? 
3 AC1 7 GLU A 42 ? GLU A 173 . ? 4_565 ? 
4 AC1 7 ASP A 43 ? ASP A 174 . ? 4_565 ? 
5 AC1 7 SER A 44 ? SER A 175 . ? 4_565 ? 
6 AC1 7 PRO B 4  ? PRO C 4   . ? 1_555 ? 
7 AC1 7 GLY B 5  ? GLY C 5   . ? 1_555 ? 
# 
_pdbx_entry_details.entry_id                   1B07 
_pdbx_entry_details.compound_details           ? 
_pdbx_entry_details.source_details             ? 
_pdbx_entry_details.nonpolymer_details         ? 
_pdbx_entry_details.sequence_details           ? 
_pdbx_entry_details.has_ligand_of_interest     ? 
_pdbx_entry_details.has_protein_modification   Y 
# 
loop_
_pdbx_unobs_or_zero_occ_residues.id 
_pdbx_unobs_or_zero_occ_residues.PDB_model_num 
_pdbx_unobs_or_zero_occ_residues.polymer_flag 
_pdbx_unobs_or_zero_occ_residues.occupancy_flag 
_pdbx_unobs_or_zero_occ_residues.auth_asym_id 
_pdbx_unobs_or_zero_occ_residues.auth_comp_id 
_pdbx_unobs_or_zero_occ_residues.auth_seq_id 
_pdbx_unobs_or_zero_occ_residues.PDB_ins_code 
_pdbx_unobs_or_zero_occ_residues.label_asym_id 
_pdbx_unobs_or_zero_occ_residues.label_comp_id 
_pdbx_unobs_or_zero_occ_residues.label_seq_id 
1 1 Y 1 A GLY 132 ? A GLY 1  
2 1 Y 1 A HIS 192 ? A HIS 61 
3 1 Y 1 A HIS 193 ? A HIS 62 
4 1 Y 1 A HIS 194 ? A HIS 63 
5 1 Y 1 A HIS 195 ? A HIS 64 
6 1 Y 1 A HIS 196 ? A HIS 65 
7 1 Y 1 C TYR 1   ? B TYR 1  
8 1 Y 1 C ARG 12  ? B ARG 12 
# 
loop_
_chem_comp_atom.comp_id 
_chem_comp_atom.atom_id 
_chem_comp_atom.type_symbol 
_chem_comp_atom.pdbx_aromatic_flag 
_chem_comp_atom.pdbx_stereo_config 
_chem_comp_atom.pdbx_ordinal 
ALA N    N N N 1   
ALA CA   C N S 2   
ALA C    C N N 3   
ALA O    O N N 4   
ALA CB   C N N 5   
ALA OXT  O N N 6   
ALA H    H N N 7   
ALA H2   H N N 8   
ALA HA   H N N 9   
ALA HB1  H N N 10  
ALA HB2  H N N 11  
ALA HB3  H N N 12  
ALA HXT  H N N 13  
ARG N    N N N 14  
ARG CA   C N S 15  
ARG C    C N N 16  
ARG O    O N N 17  
ARG CB   C N N 18  
ARG CG   C N N 19  
ARG CD   C N N 20  
ARG NE   N N N 21  
ARG CZ   C N N 22  
ARG NH1  N N N 23  
ARG NH2  N N N 24  
ARG OXT  O N N 25  
ARG H    H N N 26  
ARG H2   H N N 27  
ARG HA   H N N 28  
ARG HB2  H N N 29  
ARG HB3  H N N 30  
ARG HG2  H N N 31  
ARG HG3  H N N 32  
ARG HD2  H N N 33  
ARG HD3  H N N 34  
ARG HE   H N N 35  
ARG HH11 H N N 36  
ARG HH12 H N N 37  
ARG HH21 H N N 38  
ARG HH22 H N N 39  
ARG HXT  H N N 40  
ASN N    N N N 41  
ASN CA   C N S 42  
ASN C    C N N 43  
ASN O    O N N 44  
ASN CB   C N N 45  
ASN CG   C N N 46  
ASN OD1  O N N 47  
ASN ND2  N N N 48  
ASN OXT  O N N 49  
ASN H    H N N 50  
ASN H2   H N N 51  
ASN HA   H N N 52  
ASN HB2  H N N 53  
ASN HB3  H N N 54  
ASN HD21 H N N 55  
ASN HD22 H N N 56  
ASN HXT  H N N 57  
ASP N    N N N 58  
ASP CA   C N S 59  
ASP C    C N N 60  
ASP O    O N N 61  
ASP CB   C N N 62  
ASP CG   C N N 63  
ASP OD1  O N N 64  
ASP OD2  O N N 65  
ASP OXT  O N N 66  
ASP H    H N N 67  
ASP H2   H N N 68  
ASP HA   H N N 69  
ASP HB2  H N N 70  
ASP HB3  H N N 71  
ASP HD2  H N N 72  
ASP HXT  H N N 73  
GLN N    N N N 74  
GLN CA   C N S 75  
GLN C    C N N 76  
GLN O    O N N 77  
GLN CB   C N N 78  
GLN CG   C N N 79  
GLN CD   C N N 80  
GLN OE1  O N N 81  
GLN NE2  N N N 82  
GLN OXT  O N N 83  
GLN H    H N N 84  
GLN H2   H N N 85  
GLN HA   H N N 86  
GLN HB2  H N N 87  
GLN HB3  H N N 88  
GLN HG2  H N N 89  
GLN HG3  H N N 90  
GLN HE21 H N N 91  
GLN HE22 H N N 92  
GLN HXT  H N N 93  
GLU N    N N N 94  
GLU CA   C N S 95  
GLU C    C N N 96  
GLU O    O N N 97  
GLU CB   C N N 98  
GLU CG   C N N 99  
GLU CD   C N N 100 
GLU OE1  O N N 101 
GLU OE2  O N N 102 
GLU OXT  O N N 103 
GLU H    H N N 104 
GLU H2   H N N 105 
GLU HA   H N N 106 
GLU HB2  H N N 107 
GLU HB3  H N N 108 
GLU HG2  H N N 109 
GLU HG3  H N N 110 
GLU HE2  H N N 111 
GLU HXT  H N N 112 
GLY N    N N N 113 
GLY CA   C N N 114 
GLY C    C N N 115 
GLY O    O N N 116 
GLY OXT  O N N 117 
GLY H    H N N 118 
GLY H2   H N N 119 
GLY HA2  H N N 120 
GLY HA3  H N N 121 
GLY HXT  H N N 122 
HIS N    N N N 123 
HIS CA   C N S 124 
HIS C    C N N 125 
HIS O    O N N 126 
HIS CB   C N N 127 
HIS CG   C Y N 128 
HIS ND1  N Y N 129 
HIS CD2  C Y N 130 
HIS CE1  C Y N 131 
HIS NE2  N Y N 132 
HIS OXT  O N N 133 
HIS H    H N N 134 
HIS H2   H N N 135 
HIS HA   H N N 136 
HIS HB2  H N N 137 
HIS HB3  H N N 138 
HIS HD1  H N N 139 
HIS HD2  H N N 140 
HIS HE1  H N N 141 
HIS HE2  H N N 142 
HIS HXT  H N N 143 
HOH O    O N N 144 
HOH H1   H N N 145 
HOH H2   H N N 146 
ILE N    N N N 147 
ILE CA   C N S 148 
ILE C    C N N 149 
ILE O    O N N 150 
ILE CB   C N S 151 
ILE CG1  C N N 152 
ILE CG2  C N N 153 
ILE CD1  C N N 154 
ILE OXT  O N N 155 
ILE H    H N N 156 
ILE H2   H N N 157 
ILE HA   H N N 158 
ILE HB   H N N 159 
ILE HG12 H N N 160 
ILE HG13 H N N 161 
ILE HG21 H N N 162 
ILE HG22 H N N 163 
ILE HG23 H N N 164 
ILE HD11 H N N 165 
ILE HD12 H N N 166 
ILE HD13 H N N 167 
ILE HXT  H N N 168 
LEU N    N N N 169 
LEU CA   C N S 170 
LEU C    C N N 171 
LEU O    O N N 172 
LEU CB   C N N 173 
LEU CG   C N N 174 
LEU CD1  C N N 175 
LEU CD2  C N N 176 
LEU OXT  O N N 177 
LEU H    H N N 178 
LEU H2   H N N 179 
LEU HA   H N N 180 
LEU HB2  H N N 181 
LEU HB3  H N N 182 
LEU HG   H N N 183 
LEU HD11 H N N 184 
LEU HD12 H N N 185 
LEU HD13 H N N 186 
LEU HD21 H N N 187 
LEU HD22 H N N 188 
LEU HD23 H N N 189 
LEU HXT  H N N 190 
LYS N    N N N 191 
LYS CA   C N S 192 
LYS C    C N N 193 
LYS O    O N N 194 
LYS CB   C N N 195 
LYS CG   C N N 196 
LYS CD   C N N 197 
LYS CE   C N N 198 
LYS NZ   N N N 199 
LYS OXT  O N N 200 
LYS H    H N N 201 
LYS H2   H N N 202 
LYS HA   H N N 203 
LYS HB2  H N N 204 
LYS HB3  H N N 205 
LYS HG2  H N N 206 
LYS HG3  H N N 207 
LYS HD2  H N N 208 
LYS HD3  H N N 209 
LYS HE2  H N N 210 
LYS HE3  H N N 211 
LYS HZ1  H N N 212 
LYS HZ2  H N N 213 
LYS HZ3  H N N 214 
LYS HXT  H N N 215 
MET N    N N N 216 
MET CA   C N S 217 
MET C    C N N 218 
MET O    O N N 219 
MET CB   C N N 220 
MET CG   C N N 221 
MET SD   S N N 222 
MET CE   C N N 223 
MET OXT  O N N 224 
MET H    H N N 225 
MET H2   H N N 226 
MET HA   H N N 227 
MET HB2  H N N 228 
MET HB3  H N N 229 
MET HG2  H N N 230 
MET HG3  H N N 231 
MET HE1  H N N 232 
MET HE2  H N N 233 
MET HE3  H N N 234 
MET HXT  H N N 235 
PHE N    N N N 236 
PHE CA   C N S 237 
PHE C    C N N 238 
PHE O    O N N 239 
PHE CB   C N N 240 
PHE CG   C Y N 241 
PHE CD1  C Y N 242 
PHE CD2  C Y N 243 
PHE CE1  C Y N 244 
PHE CE2  C Y N 245 
PHE CZ   C Y N 246 
PHE OXT  O N N 247 
PHE H    H N N 248 
PHE H2   H N N 249 
PHE HA   H N N 250 
PHE HB2  H N N 251 
PHE HB3  H N N 252 
PHE HD1  H N N 253 
PHE HD2  H N N 254 
PHE HE1  H N N 255 
PHE HE2  H N N 256 
PHE HZ   H N N 257 
PHE HXT  H N N 258 
PRO N    N N N 259 
PRO CA   C N S 260 
PRO C    C N N 261 
PRO O    O N N 262 
PRO CB   C N N 263 
PRO CG   C N N 264 
PRO CD   C N N 265 
PRO OXT  O N N 266 
PRO H    H N N 267 
PRO HA   H N N 268 
PRO HB2  H N N 269 
PRO HB3  H N N 270 
PRO HG2  H N N 271 
PRO HG3  H N N 272 
PRO HD2  H N N 273 
PRO HD3  H N N 274 
PRO HXT  H N N 275 
PYJ CB   C N N 276 
PYJ CX   C N N 277 
PYJ CG   C Y N 278 
PYJ CD1  C Y N 279 
PYJ CD2  C Y N 280 
PYJ CE1  C Y N 281 
PYJ CE2  C Y N 282 
PYJ CZ   C Y N 283 
PYJ HCB1 H N N 284 
PYJ HCB2 H N N 285 
PYJ HCX1 H N N 286 
PYJ HCX2 H N N 287 
PYJ HCX3 H N N 288 
PYJ HCD1 H N N 289 
PYJ HCD2 H N N 290 
PYJ HCE1 H N N 291 
PYJ HCE2 H N N 292 
PYJ HCZ1 H N N 293 
SER N    N N N 294 
SER CA   C N S 295 
SER C    C N N 296 
SER O    O N N 297 
SER CB   C N N 298 
SER OG   O N N 299 
SER OXT  O N N 300 
SER H    H N N 301 
SER H2   H N N 302 
SER HA   H N N 303 
SER HB2  H N N 304 
SER HB3  H N N 305 
SER HG   H N N 306 
SER HXT  H N N 307 
TRP N    N N N 308 
TRP CA   C N S 309 
TRP C    C N N 310 
TRP O    O N N 311 
TRP CB   C N N 312 
TRP CG   C Y N 313 
TRP CD1  C Y N 314 
TRP CD2  C Y N 315 
TRP NE1  N Y N 316 
TRP CE2  C Y N 317 
TRP CE3  C Y N 318 
TRP CZ2  C Y N 319 
TRP CZ3  C Y N 320 
TRP CH2  C Y N 321 
TRP OXT  O N N 322 
TRP H    H N N 323 
TRP H2   H N N 324 
TRP HA   H N N 325 
TRP HB2  H N N 326 
TRP HB3  H N N 327 
TRP HD1  H N N 328 
TRP HE1  H N N 329 
TRP HE3  H N N 330 
TRP HZ2  H N N 331 
TRP HZ3  H N N 332 
TRP HH2  H N N 333 
TRP HXT  H N N 334 
TYR N    N N N 335 
TYR CA   C N S 336 
TYR C    C N N 337 
TYR O    O N N 338 
TYR CB   C N N 339 
TYR CG   C Y N 340 
TYR CD1  C Y N 341 
TYR CD2  C Y N 342 
TYR CE1  C Y N 343 
TYR CE2  C Y N 344 
TYR CZ   C Y N 345 
TYR OH   O N N 346 
TYR OXT  O N N 347 
TYR H    H N N 348 
TYR H2   H N N 349 
TYR HA   H N N 350 
TYR HB2  H N N 351 
TYR HB3  H N N 352 
TYR HD1  H N N 353 
TYR HD2  H N N 354 
TYR HE1  H N N 355 
TYR HE2  H N N 356 
TYR HH   H N N 357 
TYR HXT  H N N 358 
VAL N    N N N 359 
VAL CA   C N S 360 
VAL C    C N N 361 
VAL O    O N N 362 
VAL CB   C N N 363 
VAL CG1  C N N 364 
VAL CG2  C N N 365 
VAL OXT  O N N 366 
VAL H    H N N 367 
VAL H2   H N N 368 
VAL HA   H N N 369 
VAL HB   H N N 370 
VAL HG11 H N N 371 
VAL HG12 H N N 372 
VAL HG13 H N N 373 
VAL HG21 H N N 374 
VAL HG22 H N N 375 
VAL HG23 H N N 376 
VAL HXT  H N N 377 
# 
loop_
_chem_comp_bond.comp_id 
_chem_comp_bond.atom_id_1 
_chem_comp_bond.atom_id_2 
_chem_comp_bond.value_order 
_chem_comp_bond.pdbx_aromatic_flag 
_chem_comp_bond.pdbx_stereo_config 
_chem_comp_bond.pdbx_ordinal 
ALA N   CA   sing N N 1   
ALA N   H    sing N N 2   
ALA N   H2   sing N N 3   
ALA CA  C    sing N N 4   
ALA CA  CB   sing N N 5   
ALA CA  HA   sing N N 6   
ALA C   O    doub N N 7   
ALA C   OXT  sing N N 8   
ALA CB  HB1  sing N N 9   
ALA CB  HB2  sing N N 10  
ALA CB  HB3  sing N N 11  
ALA OXT HXT  sing N N 12  
ARG N   CA   sing N N 13  
ARG N   H    sing N N 14  
ARG N   H2   sing N N 15  
ARG CA  C    sing N N 16  
ARG CA  CB   sing N N 17  
ARG CA  HA   sing N N 18  
ARG C   O    doub N N 19  
ARG C   OXT  sing N N 20  
ARG CB  CG   sing N N 21  
ARG CB  HB2  sing N N 22  
ARG CB  HB3  sing N N 23  
ARG CG  CD   sing N N 24  
ARG CG  HG2  sing N N 25  
ARG CG  HG3  sing N N 26  
ARG CD  NE   sing N N 27  
ARG CD  HD2  sing N N 28  
ARG CD  HD3  sing N N 29  
ARG NE  CZ   sing N N 30  
ARG NE  HE   sing N N 31  
ARG CZ  NH1  sing N N 32  
ARG CZ  NH2  doub N N 33  
ARG NH1 HH11 sing N N 34  
ARG NH1 HH12 sing N N 35  
ARG NH2 HH21 sing N N 36  
ARG NH2 HH22 sing N N 37  
ARG OXT HXT  sing N N 38  
ASN N   CA   sing N N 39  
ASN N   H    sing N N 40  
ASN N   H2   sing N N 41  
ASN CA  C    sing N N 42  
ASN CA  CB   sing N N 43  
ASN CA  HA   sing N N 44  
ASN C   O    doub N N 45  
ASN C   OXT  sing N N 46  
ASN CB  CG   sing N N 47  
ASN CB  HB2  sing N N 48  
ASN CB  HB3  sing N N 49  
ASN CG  OD1  doub N N 50  
ASN CG  ND2  sing N N 51  
ASN ND2 HD21 sing N N 52  
ASN ND2 HD22 sing N N 53  
ASN OXT HXT  sing N N 54  
ASP N   CA   sing N N 55  
ASP N   H    sing N N 56  
ASP N   H2   sing N N 57  
ASP CA  C    sing N N 58  
ASP CA  CB   sing N N 59  
ASP CA  HA   sing N N 60  
ASP C   O    doub N N 61  
ASP C   OXT  sing N N 62  
ASP CB  CG   sing N N 63  
ASP CB  HB2  sing N N 64  
ASP CB  HB3  sing N N 65  
ASP CG  OD1  doub N N 66  
ASP CG  OD2  sing N N 67  
ASP OD2 HD2  sing N N 68  
ASP OXT HXT  sing N N 69  
GLN N   CA   sing N N 70  
GLN N   H    sing N N 71  
GLN N   H2   sing N N 72  
GLN CA  C    sing N N 73  
GLN CA  CB   sing N N 74  
GLN CA  HA   sing N N 75  
GLN C   O    doub N N 76  
GLN C   OXT  sing N N 77  
GLN CB  CG   sing N N 78  
GLN CB  HB2  sing N N 79  
GLN CB  HB3  sing N N 80  
GLN CG  CD   sing N N 81  
GLN CG  HG2  sing N N 82  
GLN CG  HG3  sing N N 83  
GLN CD  OE1  doub N N 84  
GLN CD  NE2  sing N N 85  
GLN NE2 HE21 sing N N 86  
GLN NE2 HE22 sing N N 87  
GLN OXT HXT  sing N N 88  
GLU N   CA   sing N N 89  
GLU N   H    sing N N 90  
GLU N   H2   sing N N 91  
GLU CA  C    sing N N 92  
GLU CA  CB   sing N N 93  
GLU CA  HA   sing N N 94  
GLU C   O    doub N N 95  
GLU C   OXT  sing N N 96  
GLU CB  CG   sing N N 97  
GLU CB  HB2  sing N N 98  
GLU CB  HB3  sing N N 99  
GLU CG  CD   sing N N 100 
GLU CG  HG2  sing N N 101 
GLU CG  HG3  sing N N 102 
GLU CD  OE1  doub N N 103 
GLU CD  OE2  sing N N 104 
GLU OE2 HE2  sing N N 105 
GLU OXT HXT  sing N N 106 
GLY N   CA   sing N N 107 
GLY N   H    sing N N 108 
GLY N   H2   sing N N 109 
GLY CA  C    sing N N 110 
GLY CA  HA2  sing N N 111 
GLY CA  HA3  sing N N 112 
GLY C   O    doub N N 113 
GLY C   OXT  sing N N 114 
GLY OXT HXT  sing N N 115 
HIS N   CA   sing N N 116 
HIS N   H    sing N N 117 
HIS N   H2   sing N N 118 
HIS CA  C    sing N N 119 
HIS CA  CB   sing N N 120 
HIS CA  HA   sing N N 121 
HIS C   O    doub N N 122 
HIS C   OXT  sing N N 123 
HIS CB  CG   sing N N 124 
HIS CB  HB2  sing N N 125 
HIS CB  HB3  sing N N 126 
HIS CG  ND1  sing Y N 127 
HIS CG  CD2  doub Y N 128 
HIS ND1 CE1  doub Y N 129 
HIS ND1 HD1  sing N N 130 
HIS CD2 NE2  sing Y N 131 
HIS CD2 HD2  sing N N 132 
HIS CE1 NE2  sing Y N 133 
HIS CE1 HE1  sing N N 134 
HIS NE2 HE2  sing N N 135 
HIS OXT HXT  sing N N 136 
HOH O   H1   sing N N 137 
HOH O   H2   sing N N 138 
ILE N   CA   sing N N 139 
ILE N   H    sing N N 140 
ILE N   H2   sing N N 141 
ILE CA  C    sing N N 142 
ILE CA  CB   sing N N 143 
ILE CA  HA   sing N N 144 
ILE C   O    doub N N 145 
ILE C   OXT  sing N N 146 
ILE CB  CG1  sing N N 147 
ILE CB  CG2  sing N N 148 
ILE CB  HB   sing N N 149 
ILE CG1 CD1  sing N N 150 
ILE CG1 HG12 sing N N 151 
ILE CG1 HG13 sing N N 152 
ILE CG2 HG21 sing N N 153 
ILE CG2 HG22 sing N N 154 
ILE CG2 HG23 sing N N 155 
ILE CD1 HD11 sing N N 156 
ILE CD1 HD12 sing N N 157 
ILE CD1 HD13 sing N N 158 
ILE OXT HXT  sing N N 159 
LEU N   CA   sing N N 160 
LEU N   H    sing N N 161 
LEU N   H2   sing N N 162 
LEU CA  C    sing N N 163 
LEU CA  CB   sing N N 164 
LEU CA  HA   sing N N 165 
LEU C   O    doub N N 166 
LEU C   OXT  sing N N 167 
LEU CB  CG   sing N N 168 
LEU CB  HB2  sing N N 169 
LEU CB  HB3  sing N N 170 
LEU CG  CD1  sing N N 171 
LEU CG  CD2  sing N N 172 
LEU CG  HG   sing N N 173 
LEU CD1 HD11 sing N N 174 
LEU CD1 HD12 sing N N 175 
LEU CD1 HD13 sing N N 176 
LEU CD2 HD21 sing N N 177 
LEU CD2 HD22 sing N N 178 
LEU CD2 HD23 sing N N 179 
LEU OXT HXT  sing N N 180 
LYS N   CA   sing N N 181 
LYS N   H    sing N N 182 
LYS N   H2   sing N N 183 
LYS CA  C    sing N N 184 
LYS CA  CB   sing N N 185 
LYS CA  HA   sing N N 186 
LYS C   O    doub N N 187 
LYS C   OXT  sing N N 188 
LYS CB  CG   sing N N 189 
LYS CB  HB2  sing N N 190 
LYS CB  HB3  sing N N 191 
LYS CG  CD   sing N N 192 
LYS CG  HG2  sing N N 193 
LYS CG  HG3  sing N N 194 
LYS CD  CE   sing N N 195 
LYS CD  HD2  sing N N 196 
LYS CD  HD3  sing N N 197 
LYS CE  NZ   sing N N 198 
LYS CE  HE2  sing N N 199 
LYS CE  HE3  sing N N 200 
LYS NZ  HZ1  sing N N 201 
LYS NZ  HZ2  sing N N 202 
LYS NZ  HZ3  sing N N 203 
LYS OXT HXT  sing N N 204 
MET N   CA   sing N N 205 
MET N   H    sing N N 206 
MET N   H2   sing N N 207 
MET CA  C    sing N N 208 
MET CA  CB   sing N N 209 
MET CA  HA   sing N N 210 
MET C   O    doub N N 211 
MET C   OXT  sing N N 212 
MET CB  CG   sing N N 213 
MET CB  HB2  sing N N 214 
MET CB  HB3  sing N N 215 
MET CG  SD   sing N N 216 
MET CG  HG2  sing N N 217 
MET CG  HG3  sing N N 218 
MET SD  CE   sing N N 219 
MET CE  HE1  sing N N 220 
MET CE  HE2  sing N N 221 
MET CE  HE3  sing N N 222 
MET OXT HXT  sing N N 223 
PHE N   CA   sing N N 224 
PHE N   H    sing N N 225 
PHE N   H2   sing N N 226 
PHE CA  C    sing N N 227 
PHE CA  CB   sing N N 228 
PHE CA  HA   sing N N 229 
PHE C   O    doub N N 230 
PHE C   OXT  sing N N 231 
PHE CB  CG   sing N N 232 
PHE CB  HB2  sing N N 233 
PHE CB  HB3  sing N N 234 
PHE CG  CD1  doub Y N 235 
PHE CG  CD2  sing Y N 236 
PHE CD1 CE1  sing Y N 237 
PHE CD1 HD1  sing N N 238 
PHE CD2 CE2  doub Y N 239 
PHE CD2 HD2  sing N N 240 
PHE CE1 CZ   doub Y N 241 
PHE CE1 HE1  sing N N 242 
PHE CE2 CZ   sing Y N 243 
PHE CE2 HE2  sing N N 244 
PHE CZ  HZ   sing N N 245 
PHE OXT HXT  sing N N 246 
PRO N   CA   sing N N 247 
PRO N   CD   sing N N 248 
PRO N   H    sing N N 249 
PRO CA  C    sing N N 250 
PRO CA  CB   sing N N 251 
PRO CA  HA   sing N N 252 
PRO C   O    doub N N 253 
PRO C   OXT  sing N N 254 
PRO CB  CG   sing N N 255 
PRO CB  HB2  sing N N 256 
PRO CB  HB3  sing N N 257 
PRO CG  CD   sing N N 258 
PRO CG  HG2  sing N N 259 
PRO CG  HG3  sing N N 260 
PRO CD  HD2  sing N N 261 
PRO CD  HD3  sing N N 262 
PRO OXT HXT  sing N N 263 
PYJ CB  CX   sing N N 264 
PYJ CB  CG   sing N N 265 
PYJ CB  HCB1 sing N N 266 
PYJ CB  HCB2 sing N N 267 
PYJ CX  HCX1 sing N N 268 
PYJ CX  HCX2 sing N N 269 
PYJ CX  HCX3 sing N N 270 
PYJ CG  CD1  doub Y N 271 
PYJ CG  CD2  sing Y N 272 
PYJ CD1 CE1  sing Y N 273 
PYJ CD1 HCD1 sing N N 274 
PYJ CD2 CE2  doub Y N 275 
PYJ CD2 HCD2 sing N N 276 
PYJ CE1 CZ   doub Y N 277 
PYJ CE1 HCE1 sing N N 278 
PYJ CE2 CZ   sing Y N 279 
PYJ CE2 HCE2 sing N N 280 
PYJ CZ  HCZ1 sing N N 281 
SER N   CA   sing N N 282 
SER N   H    sing N N 283 
SER N   H2   sing N N 284 
SER CA  C    sing N N 285 
SER CA  CB   sing N N 286 
SER CA  HA   sing N N 287 
SER C   O    doub N N 288 
SER C   OXT  sing N N 289 
SER CB  OG   sing N N 290 
SER CB  HB2  sing N N 291 
SER CB  HB3  sing N N 292 
SER OG  HG   sing N N 293 
SER OXT HXT  sing N N 294 
TRP N   CA   sing N N 295 
TRP N   H    sing N N 296 
TRP N   H2   sing N N 297 
TRP CA  C    sing N N 298 
TRP CA  CB   sing N N 299 
TRP CA  HA   sing N N 300 
TRP C   O    doub N N 301 
TRP C   OXT  sing N N 302 
TRP CB  CG   sing N N 303 
TRP CB  HB2  sing N N 304 
TRP CB  HB3  sing N N 305 
TRP CG  CD1  doub Y N 306 
TRP CG  CD2  sing Y N 307 
TRP CD1 NE1  sing Y N 308 
TRP CD1 HD1  sing N N 309 
TRP CD2 CE2  doub Y N 310 
TRP CD2 CE3  sing Y N 311 
TRP NE1 CE2  sing Y N 312 
TRP NE1 HE1  sing N N 313 
TRP CE2 CZ2  sing Y N 314 
TRP CE3 CZ3  doub Y N 315 
TRP CE3 HE3  sing N N 316 
TRP CZ2 CH2  doub Y N 317 
TRP CZ2 HZ2  sing N N 318 
TRP CZ3 CH2  sing Y N 319 
TRP CZ3 HZ3  sing N N 320 
TRP CH2 HH2  sing N N 321 
TRP OXT HXT  sing N N 322 
TYR N   CA   sing N N 323 
TYR N   H    sing N N 324 
TYR N   H2   sing N N 325 
TYR CA  C    sing N N 326 
TYR CA  CB   sing N N 327 
TYR CA  HA   sing N N 328 
TYR C   O    doub N N 329 
TYR C   OXT  sing N N 330 
TYR CB  CG   sing N N 331 
TYR CB  HB2  sing N N 332 
TYR CB  HB3  sing N N 333 
TYR CG  CD1  doub Y N 334 
TYR CG  CD2  sing Y N 335 
TYR CD1 CE1  sing Y N 336 
TYR CD1 HD1  sing N N 337 
TYR CD2 CE2  doub Y N 338 
TYR CD2 HD2  sing N N 339 
TYR CE1 CZ   doub Y N 340 
TYR CE1 HE1  sing N N 341 
TYR CE2 CZ   sing Y N 342 
TYR CE2 HE2  sing N N 343 
TYR CZ  OH   sing N N 344 
TYR OH  HH   sing N N 345 
TYR OXT HXT  sing N N 346 
VAL N   CA   sing N N 347 
VAL N   H    sing N N 348 
VAL N   H2   sing N N 349 
VAL CA  C    sing N N 350 
VAL CA  CB   sing N N 351 
VAL CA  HA   sing N N 352 
VAL C   O    doub N N 353 
VAL C   OXT  sing N N 354 
VAL CB  CG1  sing N N 355 
VAL CB  CG2  sing N N 356 
VAL CB  HB   sing N N 357 
VAL CG1 HG11 sing N N 358 
VAL CG1 HG12 sing N N 359 
VAL CG1 HG13 sing N N 360 
VAL CG2 HG21 sing N N 361 
VAL CG2 HG22 sing N N 362 
VAL CG2 HG23 sing N N 363 
VAL OXT HXT  sing N N 364 
# 
_pdbx_initial_refinement_model.id               1 
_pdbx_initial_refinement_model.entity_id_list   ? 
_pdbx_initial_refinement_model.type             'experimental model' 
_pdbx_initial_refinement_model.source_name      PDB 
_pdbx_initial_refinement_model.accession_code   1CKB 
_pdbx_initial_refinement_model.details          ? 
# 
_atom_sites.entry_id                    1B07 
_atom_sites.fract_transf_matrix[1][1]   0.01039472 
_atom_sites.fract_transf_matrix[1][2]   -0.02382125 
_atom_sites.fract_transf_matrix[1][3]   -0.00793249 
_atom_sites.fract_transf_matrix[2][1]   0.00316355 
_atom_sites.fract_transf_matrix[2][2]   -0.00727437 
_atom_sites.fract_transf_matrix[2][3]   0.02599042 
_atom_sites.fract_transf_matrix[3][1]   -0.01742513 
_atom_sites.fract_transf_matrix[3][2]   -0.00760150 
_atom_sites.fract_transf_matrix[3][3]   -0.00000657 
_atom_sites.fract_transf_vector[1]      0.080132 
_atom_sites.fract_transf_vector[2]      0.578840 
_atom_sites.fract_transf_vector[3]      0.011590 
# 
loop_
_atom_type.symbol 
C 
N 
O 
S 
# 
loop_
_atom_site.group_PDB 
_atom_site.id 
_atom_site.type_symbol 
_atom_site.label_atom_id 
_atom_site.label_alt_id 
_atom_site.label_comp_id 
_atom_site.label_asym_id 
_atom_site.label_entity_id 
_atom_site.label_seq_id 
_atom_site.pdbx_PDB_ins_code 
_atom_site.Cartn_x 
_atom_site.Cartn_y 
_atom_site.Cartn_z 
_atom_site.occupancy 
_atom_site.B_iso_or_equiv 
_atom_site.pdbx_formal_charge 
_atom_site.auth_seq_id 
_atom_site.auth_comp_id 
_atom_site.auth_asym_id 
_atom_site.auth_atom_id 
_atom_site.pdbx_PDB_model_num 
ATOM   1   N N   . SER A 1 2  ? 15.445  1.904   -11.786 1.00 37.59  ? 133  SER A N   1 
ATOM   2   C CA  . SER A 1 2  ? 15.470  0.960   -10.627 1.00 37.28  ? 133  SER A CA  1 
ATOM   3   C C   . SER A 1 2  ? 14.468  1.346   -9.537  1.00 35.02  ? 133  SER A C   1 
ATOM   4   O O   . SER A 1 2  ? 14.839  1.585   -8.383  1.00 35.23  ? 133  SER A O   1 
ATOM   5   C CB  . SER A 1 2  ? 16.890  0.861   -10.045 1.00 39.16  ? 133  SER A CB  1 
ATOM   6   O OG  . SER A 1 2  ? 17.387  2.129   -9.646  1.00 42.85  ? 133  SER A OG  1 
ATOM   7   N N   . ALA A 1 3  ? 13.192  1.396   -9.909  1.00 31.53  ? 134  ALA A N   1 
ATOM   8   C CA  . ALA A 1 3  ? 12.134  1.744   -8.971  1.00 28.38  ? 134  ALA A CA  1 
ATOM   9   C C   . ALA A 1 3  ? 11.667  0.504   -8.206  1.00 26.35  ? 134  ALA A C   1 
ATOM   10  O O   . ALA A 1 3  ? 11.805  -0.617  -8.687  1.00 24.68  ? 134  ALA A O   1 
ATOM   11  C CB  . ALA A 1 3  ? 10.971  2.389   -9.710  1.00 30.01  ? 134  ALA A CB  1 
ATOM   12  N N   . GLU A 1 4  ? 11.129  0.719   -7.009  1.00 23.73  ? 135  GLU A N   1 
ATOM   13  C CA  . GLU A 1 4  ? 10.644  -0.364  -6.159  1.00 20.97  ? 135  GLU A CA  1 
ATOM   14  C C   . GLU A 1 4  ? 9.121   -0.459  -6.211  1.00 19.80  ? 135  GLU A C   1 
ATOM   15  O O   . GLU A 1 4  ? 8.422   0.486   -5.842  1.00 19.60  ? 135  GLU A O   1 
ATOM   16  C CB  . GLU A 1 4  ? 11.108  -0.133  -4.714  1.00 20.89  ? 135  GLU A CB  1 
ATOM   17  C CG  . GLU A 1 4  ? 10.690  -1.223  -3.736  1.00 22.30  ? 135  GLU A CG  1 
ATOM   18  C CD  . GLU A 1 4  ? 11.286  -1.053  -2.347  1.00 23.64  ? 135  GLU A CD  1 
ATOM   19  O OE1 . GLU A 1 4  ? 12.138  -0.162  -2.146  1.00 26.07  ? 135  GLU A OE1 1 
ATOM   20  O OE2 . GLU A 1 4  ? 10.900  -1.822  -1.448  1.00 24.02  ? 135  GLU A OE2 1 
ATOM   21  N N   . TYR A 1 5  ? 8.611   -1.603  -6.659  1.00 18.33  ? 136  TYR A N   1 
ATOM   22  C CA  . TYR A 1 5  ? 7.166   -1.807  -6.757  1.00 17.40  ? 136  TYR A CA  1 
ATOM   23  C C   . TYR A 1 5  ? 6.645   -2.914  -5.842  1.00 16.94  ? 136  TYR A C   1 
ATOM   24  O O   . TYR A 1 5  ? 7.406   -3.735  -5.325  1.00 16.67  ? 136  TYR A O   1 
ATOM   25  C CB  . TYR A 1 5  ? 6.759   -2.135  -8.201  1.00 17.89  ? 136  TYR A CB  1 
ATOM   26  C CG  . TYR A 1 5  ? 7.123   -1.078  -9.219  1.00 16.80  ? 136  TYR A CG  1 
ATOM   27  C CD1 . TYR A 1 5  ? 6.306   0.030   -9.423  1.00 14.35  ? 136  TYR A CD1 1 
ATOM   28  C CD2 . TYR A 1 5  ? 8.293   -1.184  -9.971  1.00 16.29  ? 136  TYR A CD2 1 
ATOM   29  C CE1 . TYR A 1 5  ? 6.646   1.016   -10.350 1.00 13.95  ? 136  TYR A CE1 1 
ATOM   30  C CE2 . TYR A 1 5  ? 8.641   -0.208  -10.902 1.00 17.04  ? 136  TYR A CE2 1 
ATOM   31  C CZ  . TYR A 1 5  ? 7.815   0.891   -11.084 1.00 14.40  ? 136  TYR A CZ  1 
ATOM   32  O OH  . TYR A 1 5  ? 8.170   1.867   -11.983 1.00 12.08  ? 136  TYR A OH  1 
ATOM   33  N N   . VAL A 1 6  ? 5.334   -2.902  -5.636  1.00 16.34  ? 137  VAL A N   1 
ATOM   34  C CA  . VAL A 1 6  ? 4.640   -3.903  -4.833  1.00 17.11  ? 137  VAL A CA  1 
ATOM   35  C C   . VAL A 1 6  ? 3.332   -4.228  -5.542  1.00 17.95  ? 137  VAL A C   1 
ATOM   36  O O   . VAL A 1 6  ? 2.815   -3.416  -6.316  1.00 17.19  ? 137  VAL A O   1 
ATOM   37  C CB  . VAL A 1 6  ? 4.312   -3.412  -3.387  1.00 18.27  ? 137  VAL A CB  1 
ATOM   38  C CG1 . VAL A 1 6  ? 5.580   -3.189  -2.590  1.00 15.87  ? 137  VAL A CG1 1 
ATOM   39  C CG2 . VAL A 1 6  ? 3.461   -2.141  -3.427  1.00 17.53  ? 137  VAL A CG2 1 
ATOM   40  N N   . ARG A 1 7  ? 2.835   -5.441  -5.334  1.00 17.34  ? 138  ARG A N   1 
ATOM   41  C CA  . ARG A 1 7  ? 1.573   -5.849  -5.934  1.00 18.24  ? 138  ARG A CA  1 
ATOM   42  C C   . ARG A 1 7  ? 0.572   -6.019  -4.800  1.00 16.72  ? 138  ARG A C   1 
ATOM   43  O O   . ARG A 1 7  ? 0.857   -6.696  -3.807  1.00 15.22  ? 138  ARG A O   1 
ATOM   44  C CB  . ARG A 1 7  ? 1.724   -7.167  -6.704  1.00 19.15  ? 138  ARG A CB  1 
ATOM   45  C CG  . ARG A 1 7  ? 0.396   -7.755  -7.160  1.00 23.49  ? 138  ARG A CG  1 
ATOM   46  C CD  . ARG A 1 7  ? 0.525   -9.203  -7.606  1.00 26.97  ? 138  ARG A CD  1 
ATOM   47  N NE  . ARG A 1 7  ? 1.020   -9.331  -8.973  1.00 30.30  ? 138  ARG A NE  1 
ATOM   48  C CZ  . ARG A 1 7  ? 2.299   -9.442  -9.310  1.00 32.16  ? 138  ARG A CZ  1 
ATOM   49  N NH1 . ARG A 1 7  ? 3.243   -9.438  -8.378  1.00 33.99  ? 138  ARG A NH1 1 
ATOM   50  N NH2 . ARG A 1 7  ? 2.632   -9.573  -10.587 1.00 35.31  ? 138  ARG A NH2 1 
ATOM   51  N N   . ALA A 1 8  ? -0.584  -5.376  -4.939  1.00 14.93  ? 139  ALA A N   1 
ATOM   52  C CA  . ALA A 1 8  ? -1.638  -5.449  -3.935  1.00 15.20  ? 139  ALA A CA  1 
ATOM   53  C C   . ALA A 1 8  ? -2.236  -6.855  -3.851  1.00 16.01  ? 139  ALA A C   1 
ATOM   54  O O   . ALA A 1 8  ? -2.661  -7.421  -4.860  1.00 16.83  ? 139  ALA A O   1 
ATOM   55  C CB  . ALA A 1 8  ? -2.723  -4.431  -4.250  1.00 14.20  ? 139  ALA A CB  1 
ATOM   56  N N   . LEU A 1 9  ? -2.244  -7.425  -2.649  1.00 15.12  ? 140  LEU A N   1 
ATOM   57  C CA  . LEU A 1 9  ? -2.794  -8.764  -2.440  1.00 14.93  ? 140  LEU A CA  1 
ATOM   58  C C   . LEU A 1 9  ? -4.275  -8.688  -2.095  1.00 16.07  ? 140  LEU A C   1 
ATOM   59  O O   . LEU A 1 9  ? -5.048  -9.572  -2.459  1.00 16.27  ? 140  LEU A O   1 
ATOM   60  C CB  . LEU A 1 9  ? -2.037  -9.499  -1.326  1.00 13.63  ? 140  LEU A CB  1 
ATOM   61  C CG  . LEU A 1 9  ? -0.541  -9.743  -1.549  1.00 13.62  ? 140  LEU A CG  1 
ATOM   62  C CD1 . LEU A 1 9  ? 0.094   -10.277 -0.287  1.00 10.46  ? 140  LEU A CD1 1 
ATOM   63  C CD2 . LEU A 1 9  ? -0.332  -10.697 -2.710  1.00 14.25  ? 140  LEU A CD2 1 
ATOM   64  N N   . PHE A 1 10 ? -4.662  -7.630  -1.383  1.00 16.36  ? 141  PHE A N   1 
ATOM   65  C CA  . PHE A 1 10 ? -6.050  -7.429  -0.978  1.00 17.63  ? 141  PHE A CA  1 
ATOM   66  C C   . PHE A 1 10 ? -6.516  -6.039  -1.388  1.00 19.10  ? 141  PHE A C   1 
ATOM   67  O O   . PHE A 1 10 ? -5.703  -5.139  -1.620  1.00 18.87  ? 141  PHE A O   1 
ATOM   68  C CB  . PHE A 1 10 ? -6.205  -7.544  0.547   1.00 17.34  ? 141  PHE A CB  1 
ATOM   69  C CG  . PHE A 1 10 ? -5.589  -8.779  1.148   1.00 15.64  ? 141  PHE A CG  1 
ATOM   70  C CD1 . PHE A 1 10 ? -6.200  -10.020 1.010   1.00 17.40  ? 141  PHE A CD1 1 
ATOM   71  C CD2 . PHE A 1 10 ? -4.403  -8.696  1.872   1.00 15.41  ? 141  PHE A CD2 1 
ATOM   72  C CE1 . PHE A 1 10 ? -5.639  -11.161 1.588   1.00 14.66  ? 141  PHE A CE1 1 
ATOM   73  C CE2 . PHE A 1 10 ? -3.834  -9.828  2.452   1.00 14.54  ? 141  PHE A CE2 1 
ATOM   74  C CZ  . PHE A 1 10 ? -4.453  -11.060 2.309   1.00 14.82  ? 141  PHE A CZ  1 
ATOM   75  N N   . ASP A 1 11 ? -7.832  -5.867  -1.463  1.00 20.62  ? 142  ASP A N   1 
ATOM   76  C CA  . ASP A 1 11 ? -8.422  -4.576  -1.802  1.00 23.25  ? 142  ASP A CA  1 
ATOM   77  C C   . ASP A 1 11 ? -8.349  -3.696  -0.553  1.00 23.55  ? 142  ASP A C   1 
ATOM   78  O O   . ASP A 1 11 ? -8.667  -4.144  0.549   1.00 24.32  ? 142  ASP A O   1 
ATOM   79  C CB  . ASP A 1 11 ? -9.892  -4.741  -2.219  1.00 24.00  ? 142  ASP A CB  1 
ATOM   80  C CG  . ASP A 1 11 ? -10.076 -5.734  -3.354  1.00 26.44  ? 142  ASP A CG  1 
ATOM   81  O OD1 . ASP A 1 11 ? -9.609  -5.453  -4.478  1.00 25.49  ? 142  ASP A OD1 1 
ATOM   82  O OD2 . ASP A 1 11 ? -10.690 -6.797  -3.123  1.00 29.65  ? 142  ASP A OD2 1 
ATOM   83  N N   . PHE A 1 12 ? -7.884  -2.464  -0.722  1.00 24.34  ? 143  PHE A N   1 
ATOM   84  C CA  . PHE A 1 12 ? -7.785  -1.525  0.387   1.00 24.98  ? 143  PHE A CA  1 
ATOM   85  C C   . PHE A 1 12 ? -8.540  -0.255  0.011   1.00 26.73  ? 143  PHE A C   1 
ATOM   86  O O   . PHE A 1 12 ? -8.122  0.501   -0.865  1.00 26.73  ? 143  PHE A O   1 
ATOM   87  C CB  . PHE A 1 12 ? -6.320  -1.215  0.699   1.00 23.43  ? 143  PHE A CB  1 
ATOM   88  C CG  . PHE A 1 12 ? -6.122  -0.275  1.857   1.00 24.32  ? 143  PHE A CG  1 
ATOM   89  C CD1 . PHE A 1 12 ? -6.539  -0.624  3.143   1.00 25.53  ? 143  PHE A CD1 1 
ATOM   90  C CD2 . PHE A 1 12 ? -5.501  0.957   1.667   1.00 23.20  ? 143  PHE A CD2 1 
ATOM   91  C CE1 . PHE A 1 12 ? -6.341  0.241   4.221   1.00 21.47  ? 143  PHE A CE1 1 
ATOM   92  C CE2 . PHE A 1 12 ? -5.297  1.826   2.736   1.00 23.92  ? 143  PHE A CE2 1 
ATOM   93  C CZ  . PHE A 1 12 ? -5.718  1.466   4.018   1.00 23.14  ? 143  PHE A CZ  1 
ATOM   94  N N   . ASN A 1 13 ? -9.675  -0.053  0.666   1.00 28.99  ? 144  ASN A N   1 
ATOM   95  C CA  . ASN A 1 13 ? -10.519 1.105   0.415   1.00 32.66  ? 144  ASN A CA  1 
ATOM   96  C C   . ASN A 1 13 ? -9.915  2.393   0.975   1.00 34.14  ? 144  ASN A C   1 
ATOM   97  O O   . ASN A 1 13 ? -10.200 3.482   0.476   1.00 34.45  ? 144  ASN A O   1 
ATOM   98  C CB  . ASN A 1 13 ? -11.913 0.872   1.008   1.00 35.03  ? 144  ASN A CB  1 
ATOM   99  C CG  . ASN A 1 13 ? -12.564 -0.412  0.499   1.00 36.24  ? 144  ASN A CG  1 
ATOM   100 O OD1 . ASN A 1 13 ? -12.493 -0.731  -0.688  1.00 38.24  ? 144  ASN A OD1 1 
ATOM   101 N ND2 . ASN A 1 13 ? -13.203 -1.151  1.403   1.00 35.97  ? 144  ASN A ND2 1 
ATOM   102 N N   . GLY A 1 14 ? -9.064  2.263   1.989   1.00 35.24  ? 145  GLY A N   1 
ATOM   103 C CA  . GLY A 1 14 ? -8.451  3.435   2.591   1.00 37.09  ? 145  GLY A CA  1 
ATOM   104 C C   . GLY A 1 14 ? -9.240  3.910   3.795   1.00 39.30  ? 145  GLY A C   1 
ATOM   105 O O   . GLY A 1 14 ? -10.413 4.269   3.683   1.00 38.78  ? 145  GLY A O   1 
ATOM   106 N N   . ASN A 1 15 ? -8.589  3.906   4.954   1.00 41.44  ? 146  ASN A N   1 
ATOM   107 C CA  . ASN A 1 15 ? -9.215  4.323   6.207   1.00 42.43  ? 146  ASN A CA  1 
ATOM   108 C C   . ASN A 1 15 ? -9.072  5.823   6.474   1.00 43.69  ? 146  ASN A C   1 
ATOM   109 O O   . ASN A 1 15 ? -10.022 6.480   6.904   1.00 44.30  ? 146  ASN A O   1 
ATOM   110 C CB  . ASN A 1 15 ? -8.610  3.542   7.383   1.00 43.04  ? 146  ASN A CB  1 
ATOM   111 C CG  . ASN A 1 15 ? -8.772  2.033   7.243   1.00 42.59  ? 146  ASN A CG  1 
ATOM   112 O OD1 . ASN A 1 15 ? -9.287  1.536   6.238   1.00 39.60  ? 146  ASN A OD1 1 
ATOM   113 N ND2 . ASN A 1 15 ? -8.323  1.299   8.255   1.00 41.41  ? 146  ASN A ND2 1 
ATOM   114 N N   . ASP A 1 16 ? -7.876  6.352   6.226   1.00 44.43  ? 147  ASP A N   1 
ATOM   115 C CA  . ASP A 1 16 ? -7.577  7.765   6.446   1.00 44.56  ? 147  ASP A CA  1 
ATOM   116 C C   . ASP A 1 16 ? -7.498  8.554   5.137   1.00 43.51  ? 147  ASP A C   1 
ATOM   117 O O   . ASP A 1 16 ? -7.378  7.973   4.057   1.00 42.58  ? 147  ASP A O   1 
ATOM   118 C CB  . ASP A 1 16 ? -6.259  7.887   7.214   1.00 46.86  ? 147  ASP A CB  1 
ATOM   119 C CG  . ASP A 1 16 ? -5.972  9.301   7.667   1.00 48.97  ? 147  ASP A CG  1 
ATOM   120 O OD1 . ASP A 1 16 ? -6.607  9.749   8.645   1.00 51.13  ? 147  ASP A OD1 1 
ATOM   121 O OD2 . ASP A 1 16 ? -5.113  9.959   7.045   1.00 51.36  ? 147  ASP A OD2 1 
ATOM   122 N N   . GLU A 1 17 ? -7.557  9.880   5.250   1.00 43.04  ? 148  GLU A N   1 
ATOM   123 C CA  . GLU A 1 17 ? -7.491  10.779  4.096   1.00 42.67  ? 148  GLU A CA  1 
ATOM   124 C C   . GLU A 1 17 ? -6.137  10.701  3.399   1.00 40.68  ? 148  GLU A C   1 
ATOM   125 O O   . GLU A 1 17 ? -6.038  10.944  2.198   1.00 41.10  ? 148  GLU A O   1 
ATOM   126 C CB  . GLU A 1 17 ? -7.741  12.225  4.531   1.00 45.48  ? 148  GLU A CB  1 
ATOM   127 C CG  . GLU A 1 17 ? -9.092  12.471  5.197   1.00 49.52  ? 148  GLU A CG  1 
ATOM   128 C CD  . GLU A 1 17 ? -10.258 12.409  4.227   1.00 50.55  ? 148  GLU A CD  1 
ATOM   129 O OE1 . GLU A 1 17 ? -10.815 11.304  4.025   1.00 52.95  ? 148  GLU A OE1 1 
ATOM   130 O OE2 . GLU A 1 17 ? -10.625 13.470  3.676   1.00 51.62  ? 148  GLU A OE2 1 
ATOM   131 N N   . GLU A 1 18 ? -5.099  10.379  4.168   1.00 38.60  ? 149  GLU A N   1 
ATOM   132 C CA  . GLU A 1 18 ? -3.740  10.266  3.645   1.00 35.98  ? 149  GLU A CA  1 
ATOM   133 C C   . GLU A 1 18 ? -3.449  8.888   3.036   1.00 32.85  ? 149  GLU A C   1 
ATOM   134 O O   . GLU A 1 18 ? -2.437  8.704   2.356   1.00 32.56  ? 149  GLU A O   1 
ATOM   135 C CB  . GLU A 1 18 ? -2.723  10.580  4.750   1.00 37.82  ? 149  GLU A CB  1 
ATOM   136 C CG  . GLU A 1 18 ? -2.853  11.977  5.362   1.00 40.95  ? 149  GLU A CG  1 
ATOM   137 C CD  . GLU A 1 18 ? -2.370  13.087  4.443   1.00 43.02  ? 149  GLU A CD  1 
ATOM   138 O OE1 . GLU A 1 18 ? -3.050  13.384  3.435   1.00 43.99  ? 149  GLU A OE1 1 
ATOM   139 O OE2 . GLU A 1 18 ? -1.308  13.676  4.736   1.00 44.09  ? 149  GLU A OE2 1 
ATOM   140 N N   . ASP A 1 19 ? -4.338  7.930   3.282   1.00 28.16  ? 150  ASP A N   1 
ATOM   141 C CA  . ASP A 1 19 ? -4.186  6.577   2.760   1.00 25.20  ? 150  ASP A CA  1 
ATOM   142 C C   . ASP A 1 19 ? -4.379  6.520   1.253   1.00 24.66  ? 150  ASP A C   1 
ATOM   143 O O   . ASP A 1 19 ? -5.133  7.311   0.683   1.00 23.87  ? 150  ASP A O   1 
ATOM   144 C CB  . ASP A 1 19 ? -5.205  5.634   3.408   1.00 24.22  ? 150  ASP A CB  1 
ATOM   145 C CG  . ASP A 1 19 ? -4.920  5.361   4.875   1.00 22.50  ? 150  ASP A CG  1 
ATOM   146 O OD1 . ASP A 1 19 ? -3.880  5.818   5.396   1.00 21.53  ? 150  ASP A OD1 1 
ATOM   147 O OD2 . ASP A 1 19 ? -5.747  4.669   5.507   1.00 19.90  ? 150  ASP A OD2 1 
ATOM   148 N N   . LEU A 1 20 ? -3.685  5.588   0.610   1.00 22.67  ? 151  LEU A N   1 
ATOM   149 C CA  . LEU A 1 20 ? -3.812  5.397   -0.826  1.00 21.53  ? 151  LEU A CA  1 
ATOM   150 C C   . LEU A 1 20 ? -4.654  4.148   -1.063  1.00 21.96  ? 151  LEU A C   1 
ATOM   151 O O   . LEU A 1 20 ? -4.218  3.031   -0.777  1.00 22.22  ? 151  LEU A O   1 
ATOM   152 C CB  . LEU A 1 20 ? -2.442  5.224   -1.490  1.00 21.59  ? 151  LEU A CB  1 
ATOM   153 C CG  . LEU A 1 20 ? -2.453  4.868   -2.983  1.00 23.80  ? 151  LEU A CG  1 
ATOM   154 C CD1 . LEU A 1 20 ? -3.134  5.969   -3.796  1.00 21.86  ? 151  LEU A CD1 1 
ATOM   155 C CD2 . LEU A 1 20 ? -1.036  4.645   -3.469  1.00 22.28  ? 151  LEU A CD2 1 
ATOM   156 N N   . PRO A 1 21 ? -5.901  4.325   -1.524  1.00 22.43  ? 152  PRO A N   1 
ATOM   157 C CA  . PRO A 1 21 ? -6.763  3.168   -1.782  1.00 22.99  ? 152  PRO A CA  1 
ATOM   158 C C   . PRO A 1 21 ? -6.301  2.409   -3.022  1.00 22.73  ? 152  PRO A C   1 
ATOM   159 O O   . PRO A 1 21 ? -5.740  2.995   -3.951  1.00 23.33  ? 152  PRO A O   1 
ATOM   160 C CB  . PRO A 1 21 ? -8.134  3.806   -1.984  1.00 23.66  ? 152  PRO A CB  1 
ATOM   161 C CG  . PRO A 1 21 ? -7.797  5.139   -2.575  1.00 24.36  ? 152  PRO A CG  1 
ATOM   162 C CD  . PRO A 1 21 ? -6.631  5.586   -1.741  1.00 22.69  ? 152  PRO A CD  1 
ATOM   163 N N   . PHE A 1 22 ? -6.519  1.100   -3.023  1.00 20.52  ? 153  PHE A N   1 
ATOM   164 C CA  . PHE A 1 22 ? -6.118  0.269   -4.152  1.00 19.25  ? 153  PHE A CA  1 
ATOM   165 C C   . PHE A 1 22 ? -6.904  -1.035  -4.203  1.00 18.90  ? 153  PHE A C   1 
ATOM   166 O O   . PHE A 1 22 ? -7.642  -1.377  -3.270  1.00 17.08  ? 153  PHE A O   1 
ATOM   167 C CB  . PHE A 1 22 ? -4.606  -0.017  -4.100  1.00 16.27  ? 153  PHE A CB  1 
ATOM   168 C CG  . PHE A 1 22 ? -4.144  -0.636  -2.805  1.00 15.48  ? 153  PHE A CG  1 
ATOM   169 C CD1 . PHE A 1 22 ? -4.280  -2.004  -2.581  1.00 15.14  ? 153  PHE A CD1 1 
ATOM   170 C CD2 . PHE A 1 22 ? -3.569  0.150   -1.815  1.00 13.22  ? 153  PHE A CD2 1 
ATOM   171 C CE1 . PHE A 1 22 ? -3.850  -2.579  -1.390  1.00 16.40  ? 153  PHE A CE1 1 
ATOM   172 C CE2 . PHE A 1 22 ? -3.136  -0.413  -0.620  1.00 14.11  ? 153  PHE A CE2 1 
ATOM   173 C CZ  . PHE A 1 22 ? -3.274  -1.781  -0.403  1.00 15.56  ? 153  PHE A CZ  1 
ATOM   174 N N   . LYS A 1 23 ? -6.737  -1.756  -5.306  1.00 19.53  ? 154  LYS A N   1 
ATOM   175 C CA  . LYS A 1 23 ? -7.420  -3.022  -5.509  1.00 20.10  ? 154  LYS A CA  1 
ATOM   176 C C   . LYS A 1 23 ? -6.447  -4.176  -5.698  1.00 18.87  ? 154  LYS A C   1 
ATOM   177 O O   . LYS A 1 23 ? -5.309  -3.991  -6.130  1.00 17.92  ? 154  LYS A O   1 
ATOM   178 C CB  . LYS A 1 23 ? -8.357  -2.936  -6.717  1.00 18.66  ? 154  LYS A CB  1 
ATOM   179 C CG  . LYS A 1 23 ? -9.506  -1.959  -6.540  1.00 21.04  ? 154  LYS A CG  1 
ATOM   180 C CD  . LYS A 1 23 ? -10.419 -2.383  -5.401  1.00 20.87  ? 154  LYS A CD  1 
ATOM   181 C CE  . LYS A 1 23 ? -11.392 -1.283  -5.048  1.00 21.60  ? 154  LYS A CE  1 
ATOM   182 N NZ  . LYS A 1 23 ? -12.229 -1.654  -3.885  1.00 22.36  ? 154  LYS A NZ  1 
ATOM   183 N N   . LYS A 1 24 ? -6.927  -5.369  -5.359  1.00 20.28  ? 155  LYS A N   1 
ATOM   184 C CA  . LYS A 1 24 ? -6.176  -6.612  -5.473  1.00 20.39  ? 155  LYS A CA  1 
ATOM   185 C C   . LYS A 1 24 ? -5.543  -6.723  -6.867  1.00 21.63  ? 155  LYS A C   1 
ATOM   186 O O   . LYS A 1 24 ? -6.237  -6.636  -7.886  1.00 22.81  ? 155  LYS A O   1 
ATOM   187 C CB  . LYS A 1 24 ? -7.139  -7.773  -5.218  1.00 19.18  ? 155  LYS A CB  1 
ATOM   188 C CG  . LYS A 1 24 ? -6.541  -9.156  -5.233  1.00 17.98  ? 155  LYS A CG  1 
ATOM   189 C CD  . LYS A 1 24 ? -7.636  -10.175 -4.994  1.00 18.66  ? 155  LYS A CD  1 
ATOM   190 C CE  . LYS A 1 24 ? -7.171  -11.580 -5.297  1.00 19.39  ? 155  LYS A CE  1 
ATOM   191 N NZ  . LYS A 1 24 ? -8.249  -12.579 -5.074  1.00 20.41  ? 155  LYS A NZ  1 
ATOM   192 N N   . GLY A 1 25 ? -4.218  -6.844  -6.902  1.00 20.77  ? 156  GLY A N   1 
ATOM   193 C CA  . GLY A 1 25 ? -3.513  -6.957  -8.167  1.00 19.65  ? 156  GLY A CA  1 
ATOM   194 C C   . GLY A 1 25 ? -2.852  -5.678  -8.649  1.00 18.70  ? 156  GLY A C   1 
ATOM   195 O O   . GLY A 1 25 ? -2.041  -5.715  -9.577  1.00 18.95  ? 156  GLY A O   1 
ATOM   196 N N   . ASP A 1 26 ? -3.193  -4.548  -8.035  1.00 17.33  ? 157  ASP A N   1 
ATOM   197 C CA  . ASP A 1 26 ? -2.610  -3.258  -8.415  1.00 18.48  ? 157  ASP A CA  1 
ATOM   198 C C   . ASP A 1 26 ? -1.108  -3.180  -8.148  1.00 17.01  ? 157  ASP A C   1 
ATOM   199 O O   . ASP A 1 26 ? -0.610  -3.732  -7.170  1.00 17.32  ? 157  ASP A O   1 
ATOM   200 C CB  . ASP A 1 26 ? -3.304  -2.101  -7.675  1.00 18.58  ? 157  ASP A CB  1 
ATOM   201 C CG  . ASP A 1 26 ? -4.666  -1.728  -8.275  1.00 19.89  ? 157  ASP A CG  1 
ATOM   202 O OD1 . ASP A 1 26 ? -5.108  -2.347  -9.267  1.00 19.15  ? 157  ASP A OD1 1 
ATOM   203 O OD2 . ASP A 1 26 ? -5.304  -0.796  -7.741  1.00 18.06  ? 157  ASP A OD2 1 
ATOM   204 N N   . ILE A 1 27 ? -0.387  -2.516  -9.049  1.00 16.95  ? 158  ILE A N   1 
ATOM   205 C CA  . ILE A 1 27 ? 1.054   -2.322  -8.898  1.00 17.21  ? 158  ILE A CA  1 
ATOM   206 C C   . ILE A 1 27 ? 1.245   -0.910  -8.340  1.00 16.76  ? 158  ILE A C   1 
ATOM   207 O O   . ILE A 1 27 ? 0.692   0.054   -8.866  1.00 17.04  ? 158  ILE A O   1 
ATOM   208 C CB  . ILE A 1 27 ? 1.809   -2.469  -10.252 1.00 17.40  ? 158  ILE A CB  1 
ATOM   209 C CG1 . ILE A 1 27 ? 1.643   -3.889  -10.802 1.00 16.90  ? 158  ILE A CG1 1 
ATOM   210 C CG2 . ILE A 1 27 ? 3.288   -2.136  -10.088 1.00 17.29  ? 158  ILE A CG2 1 
ATOM   211 C CD1 . ILE A 1 27 ? 2.179   -4.971  -9.896  1.00 17.65  ? 158  ILE A CD1 1 
ATOM   212 N N   . LEU A 1 28 ? 1.985   -0.802  -7.245  1.00 15.30  ? 159  LEU A N   1 
ATOM   213 C CA  . LEU A 1 28 ? 2.228   0.487   -6.612  1.00 15.39  ? 159  LEU A CA  1 
ATOM   214 C C   . LEU A 1 28 ? 3.723   0.714   -6.477  1.00 14.75  ? 159  LEU A C   1 
ATOM   215 O O   . LEU A 1 28 ? 4.471   -0.217  -6.202  1.00 13.05  ? 159  LEU A O   1 
ATOM   216 C CB  . LEU A 1 28 ? 1.575   0.510   -5.229  1.00 15.48  ? 159  LEU A CB  1 
ATOM   217 C CG  . LEU A 1 28 ? 0.107   0.074   -5.174  1.00 16.92  ? 159  LEU A CG  1 
ATOM   218 C CD1 . LEU A 1 28 ? -0.314  -0.201  -3.735  1.00 17.34  ? 159  LEU A CD1 1 
ATOM   219 C CD2 . LEU A 1 28 ? -0.782  1.134   -5.813  1.00 17.06  ? 159  LEU A CD2 1 
ATOM   220 N N   . ARG A 1 29 ? 4.167   1.944   -6.695  1.00 14.50  ? 160  ARG A N   1 
ATOM   221 C CA  . ARG A 1 29 ? 5.584   2.246   -6.570  1.00 15.23  ? 160  ARG A CA  1 
ATOM   222 C C   . ARG A 1 29 ? 5.862   2.786   -5.179  1.00 15.88  ? 160  ARG A C   1 
ATOM   223 O O   . ARG A 1 29 ? 5.160   3.677   -4.705  1.00 14.76  ? 160  ARG A O   1 
ATOM   224 C CB  . ARG A 1 29 ? 6.029   3.254   -7.626  1.00 16.38  ? 160  ARG A CB  1 
ATOM   225 C CG  . ARG A 1 29 ? 7.541   3.387   -7.721  1.00 21.01  ? 160  ARG A CG  1 
ATOM   226 C CD  . ARG A 1 29 ? 7.956   4.309   -8.852  1.00 26.10  ? 160  ARG A CD  1 
ATOM   227 N NE  . ARG A 1 29 ? 7.636   5.706   -8.577  1.00 30.19  ? 160  ARG A NE  1 
ATOM   228 C CZ  . ARG A 1 29 ? 8.427   6.541   -7.907  1.00 33.96  ? 160  ARG A CZ  1 
ATOM   229 N NH1 . ARG A 1 29 ? 9.596   6.125   -7.430  1.00 34.14  ? 160  ARG A NH1 1 
ATOM   230 N NH2 . ARG A 1 29 ? 8.057   7.802   -7.724  1.00 35.20  ? 160  ARG A NH2 1 
ATOM   231 N N   . ILE A 1 30 ? 6.875   2.229   -4.524  1.00 15.31  ? 161  ILE A N   1 
ATOM   232 C CA  . ILE A 1 30 ? 7.248   2.649   -3.176  1.00 16.23  ? 161  ILE A CA  1 
ATOM   233 C C   . ILE A 1 30 ? 8.111   3.912   -3.187  1.00 17.43  ? 161  ILE A C   1 
ATOM   234 O O   . ILE A 1 30 ? 9.171   3.941   -3.811  1.00 18.09  ? 161  ILE A O   1 
ATOM   235 C CB  . ILE A 1 30 ? 7.976   1.511   -2.417  1.00 14.74  ? 161  ILE A CB  1 
ATOM   236 C CG1 . ILE A 1 30 ? 7.110   0.244   -2.407  1.00 11.82  ? 161  ILE A CG1 1 
ATOM   237 C CG2 . ILE A 1 30 ? 8.306   1.946   -0.991  1.00 13.48  ? 161  ILE A CG2 1 
ATOM   238 C CD1 . ILE A 1 30 ? 5.720   0.437   -1.832  1.00 11.00  ? 161  ILE A CD1 1 
ATOM   239 N N   . ARG A 1 31 ? 7.650   4.945   -2.483  1.00 18.04  ? 162  ARG A N   1 
ATOM   240 C CA  . ARG A 1 31 ? 8.361   6.225   -2.413  1.00 18.53  ? 162  ARG A CA  1 
ATOM   241 C C   . ARG A 1 31 ? 9.039   6.478   -1.076  1.00 19.23  ? 162  ARG A C   1 
ATOM   242 O O   . ARG A 1 31 ? 10.130  7.042   -1.028  1.00 19.38  ? 162  ARG A O   1 
ATOM   243 C CB  . ARG A 1 31 ? 7.401   7.385   -2.683  1.00 20.01  ? 162  ARG A CB  1 
ATOM   244 C CG  . ARG A 1 31 ? 6.706   7.347   -4.028  1.00 22.60  ? 162  ARG A CG  1 
ATOM   245 C CD  . ARG A 1 31 ? 5.765   8.537   -4.184  1.00 27.10  ? 162  ARG A CD  1 
ATOM   246 N NE  . ARG A 1 31 ? 6.472   9.818   -4.212  1.00 29.45  ? 162  ARG A NE  1 
ATOM   247 C CZ  . ARG A 1 31 ? 6.501   10.686  -3.204  1.00 30.71  ? 162  ARG A CZ  1 
ATOM   248 N NH1 . ARG A 1 31 ? 5.860   10.419  -2.075  1.00 30.95  ? 162  ARG A NH1 1 
ATOM   249 N NH2 . ARG A 1 31 ? 7.171   11.824  -3.326  1.00 30.24  ? 162  ARG A NH2 1 
ATOM   250 N N   . ASP A 1 32 ? 8.384   6.060   0.005   1.00 19.23  ? 163  ASP A N   1 
ATOM   251 C CA  . ASP A 1 32 ? 8.896   6.280   1.352   1.00 20.67  ? 163  ASP A CA  1 
ATOM   252 C C   . ASP A 1 32 ? 8.558   5.116   2.278   1.00 18.92  ? 163  ASP A C   1 
ATOM   253 O O   . ASP A 1 32 ? 7.580   4.399   2.053   1.00 17.57  ? 163  ASP A O   1 
ATOM   254 C CB  . ASP A 1 32 ? 8.257   7.558   1.912   1.00 23.24  ? 163  ASP A CB  1 
ATOM   255 C CG  . ASP A 1 32 ? 9.188   8.349   2.797   1.00 27.04  ? 163  ASP A CG  1 
ATOM   256 O OD1 . ASP A 1 32 ? 9.520   7.886   3.908   1.00 30.02  ? 163  ASP A OD1 1 
ATOM   257 O OD2 . ASP A 1 32 ? 9.563   9.465   2.385   1.00 29.27  ? 163  ASP A OD2 1 
ATOM   258 N N   . LYS A 1 33 ? 9.366   4.952   3.326   1.00 17.35  ? 164  LYS A N   1 
ATOM   259 C CA  . LYS A 1 33 ? 9.168   3.906   4.329   1.00 18.10  ? 164  LYS A CA  1 
ATOM   260 C C   . LYS A 1 33 ? 9.343   4.501   5.731   1.00 18.41  ? 164  LYS A C   1 
ATOM   261 O O   . LYS A 1 33 ? 10.338  4.243   6.407   1.00 16.20  ? 164  LYS A O   1 
ATOM   262 C CB  . LYS A 1 33 ? 10.156  2.758   4.112   1.00 17.87  ? 164  LYS A CB  1 
ATOM   263 C CG  . LYS A 1 33 ? 9.951   2.031   2.798   1.00 17.88  ? 164  LYS A CG  1 
ATOM   264 C CD  . LYS A 1 33 ? 10.877  0.843   2.647   1.00 19.15  ? 164  LYS A CD  1 
ATOM   265 C CE  . LYS A 1 33 ? 10.612  0.125   1.332   1.00 17.63  ? 164  LYS A CE  1 
ATOM   266 N NZ  . LYS A 1 33 ? 11.485  -1.065  1.157   1.00 18.15  ? 164  LYS A NZ  1 
ATOM   267 N N   . PRO A 1 34 ? 8.372   5.323   6.177   1.00 20.27  ? 165  PRO A N   1 
ATOM   268 C CA  . PRO A 1 34 ? 8.415   5.966   7.496   1.00 20.85  ? 165  PRO A CA  1 
ATOM   269 C C   . PRO A 1 34 ? 8.163   5.000   8.654   1.00 21.54  ? 165  PRO A C   1 
ATOM   270 O O   . PRO A 1 34 ? 8.497   5.294   9.801   1.00 22.59  ? 165  PRO A O   1 
ATOM   271 C CB  . PRO A 1 34 ? 7.315   7.020   7.387   1.00 20.61  ? 165  PRO A CB  1 
ATOM   272 C CG  . PRO A 1 34 ? 6.311   6.354   6.532   1.00 22.32  ? 165  PRO A CG  1 
ATOM   273 C CD  . PRO A 1 34 ? 7.154   5.725   5.447   1.00 20.77  ? 165  PRO A CD  1 
ATOM   274 N N   . GLU A 1 35 ? 7.586   3.847   8.333   1.00 20.95  ? 166  GLU A N   1 
ATOM   275 C CA  . GLU A 1 35 ? 7.272   2.812   9.309   1.00 20.66  ? 166  GLU A CA  1 
ATOM   276 C C   . GLU A 1 35 ? 7.541   1.449   8.708   1.00 19.00  ? 166  GLU A C   1 
ATOM   277 O O   . GLU A 1 35 ? 7.640   1.309   7.495   1.00 17.59  ? 166  GLU A O   1 
ATOM   278 C CB  . GLU A 1 35 ? 5.795   2.863   9.693   1.00 23.06  ? 166  GLU A CB  1 
ATOM   279 C CG  . GLU A 1 35 ? 5.437   3.846   10.771  1.00 26.30  ? 166  GLU A CG  1 
ATOM   280 C CD  . GLU A 1 35 ? 3.973   3.753   11.146  1.00 26.70  ? 166  GLU A CD  1 
ATOM   281 O OE1 . GLU A 1 35 ? 3.503   2.635   11.451  1.00 28.30  ? 166  GLU A OE1 1 
ATOM   282 O OE2 . GLU A 1 35 ? 3.288   4.796   11.135  1.00 28.71  ? 166  GLU A OE2 1 
ATOM   283 N N   . GLU A 1 36 ? 7.597   0.439   9.568   1.00 19.71  ? 167  GLU A N   1 
ATOM   284 C CA  . GLU A 1 36 ? 7.838   -0.933  9.146   1.00 20.18  ? 167  GLU A CA  1 
ATOM   285 C C   . GLU A 1 36 ? 6.612   -1.494  8.428   1.00 19.49  ? 167  GLU A C   1 
ATOM   286 O O   . GLU A 1 36 ? 6.744   -2.204  7.435   1.00 19.00  ? 167  GLU A O   1 
ATOM   287 C CB  . GLU A 1 36 ? 8.157   -1.804  10.368  1.00 22.32  ? 167  GLU A CB  1 
ATOM   288 C CG  . GLU A 1 36 ? 6.966   -1.979  11.309  1.00 26.52  ? 167  GLU A CG  1 
ATOM   289 C CD  . GLU A 1 36 ? 7.334   -2.442  12.702  1.00 28.73  ? 167  GLU A CD  1 
ATOM   290 O OE1 . GLU A 1 36 ? 8.368   -1.986  13.225  1.00 29.30  ? 167  GLU A OE1 1 
ATOM   291 O OE2 . GLU A 1 36 ? 6.570   -3.243  13.287  1.00 27.31  ? 167  GLU A OE2 1 
ATOM   292 N N   . GLN A 1 37 ? 5.420   -1.139  8.914   1.00 17.74  ? 168  GLN A N   1 
ATOM   293 C CA  . GLN A 1 37 ? 4.173   -1.647  8.345   1.00 15.64  ? 168  GLN A CA  1 
ATOM   294 C C   . GLN A 1 37 ? 3.331   -0.642  7.546   1.00 13.97  ? 168  GLN A C   1 
ATOM   295 O O   . GLN A 1 37 ? 2.255   -0.989  7.051   1.00 13.21  ? 168  GLN A O   1 
ATOM   296 C CB  . GLN A 1 37 ? 3.325   -2.291  9.444   1.00 17.42  ? 168  GLN A CB  1 
ATOM   297 C CG  . GLN A 1 37 ? 4.060   -3.310  10.327  1.00 20.97  ? 168  GLN A CG  1 
ATOM   298 C CD  . GLN A 1 37 ? 4.493   -4.568  9.588   1.00 21.83  ? 168  GLN A CD  1 
ATOM   299 O OE1 . GLN A 1 37 ? 3.723   -5.157  8.826   1.00 24.16  ? 168  GLN A OE1 1 
ATOM   300 N NE2 . GLN A 1 37 ? 5.726   -5.000  9.828   1.00 23.55  ? 168  GLN A NE2 1 
ATOM   301 N N   . TRP A 1 38 ? 3.816   0.590   7.419   1.00 12.86  ? 169  TRP A N   1 
ATOM   302 C CA  . TRP A 1 38 ? 3.111   1.619   6.658   1.00 13.33  ? 169  TRP A CA  1 
ATOM   303 C C   . TRP A 1 38 ? 4.087   2.361   5.753   1.00 12.76  ? 169  TRP A C   1 
ATOM   304 O O   . TRP A 1 38 ? 4.995   3.044   6.223   1.00 13.37  ? 169  TRP A O   1 
ATOM   305 C CB  . TRP A 1 38 ? 2.374   2.601   7.587   1.00 14.80  ? 169  TRP A CB  1 
ATOM   306 C CG  . TRP A 1 38 ? 1.114   2.031   8.202   1.00 14.15  ? 169  TRP A CG  1 
ATOM   307 C CD1 . TRP A 1 38 ? 1.006   1.382   9.402   1.00 12.03  ? 169  TRP A CD1 1 
ATOM   308 C CD2 . TRP A 1 38 ? -0.198  2.004   7.615   1.00 12.39  ? 169  TRP A CD2 1 
ATOM   309 N NE1 . TRP A 1 38 ? -0.280  0.943   9.590   1.00 11.32  ? 169  TRP A NE1 1 
ATOM   310 C CE2 . TRP A 1 38 ? -1.041  1.310   8.513   1.00 11.94  ? 169  TRP A CE2 1 
ATOM   311 C CE3 . TRP A 1 38 ? -0.739  2.492   6.415   1.00 11.48  ? 169  TRP A CE3 1 
ATOM   312 C CZ2 . TRP A 1 38 ? -2.400  1.086   8.248   1.00 14.37  ? 169  TRP A CZ2 1 
ATOM   313 C CZ3 . TRP A 1 38 ? -2.091  2.270   6.150   1.00 11.69  ? 169  TRP A CZ3 1 
ATOM   314 C CH2 . TRP A 1 38 ? -2.905  1.573   7.064   1.00 14.75  ? 169  TRP A CH2 1 
ATOM   315 N N   . TRP A 1 39 ? 3.916   2.185   4.446   1.00 14.28  ? 170  TRP A N   1 
ATOM   316 C CA  . TRP A 1 39 ? 4.776   2.824   3.455   1.00 13.55  ? 170  TRP A CA  1 
ATOM   317 C C   . TRP A 1 39 ? 4.013   3.838   2.602   1.00 15.00  ? 170  TRP A C   1 
ATOM   318 O O   . TRP A 1 39 ? 2.793   3.748   2.444   1.00 16.94  ? 170  TRP A O   1 
ATOM   319 C CB  . TRP A 1 39 ? 5.411   1.769   2.534   1.00 14.58  ? 170  TRP A CB  1 
ATOM   320 C CG  . TRP A 1 39 ? 6.363   0.816   3.213   1.00 15.15  ? 170  TRP A CG  1 
ATOM   321 C CD1 . TRP A 1 39 ? 6.887   0.929   4.469   1.00 16.60  ? 170  TRP A CD1 1 
ATOM   322 C CD2 . TRP A 1 39 ? 6.904   -0.400  2.666   1.00 15.71  ? 170  TRP A CD2 1 
ATOM   323 N NE1 . TRP A 1 39 ? 7.718   -0.136  4.739   1.00 15.92  ? 170  TRP A NE1 1 
ATOM   324 C CE2 . TRP A 1 39 ? 7.745   -0.965  3.651   1.00 16.23  ? 170  TRP A CE2 1 
ATOM   325 C CE3 . TRP A 1 39 ? 6.755   -1.063  1.440   1.00 17.04  ? 170  TRP A CE3 1 
ATOM   326 C CZ2 . TRP A 1 39 ? 8.438   -2.167  3.448   1.00 17.34  ? 170  TRP A CZ2 1 
ATOM   327 C CZ3 . TRP A 1 39 ? 7.445   -2.259  1.237   1.00 16.88  ? 170  TRP A CZ3 1 
ATOM   328 C CH2 . TRP A 1 39 ? 8.276   -2.797  2.240   1.00 17.20  ? 170  TRP A CH2 1 
ATOM   329 N N   . ASN A 1 40 ? 4.736   4.829   2.095   1.00 15.03  ? 171  ASN A N   1 
ATOM   330 C CA  . ASN A 1 40 ? 4.147   5.845   1.232   1.00 16.71  ? 171  ASN A CA  1 
ATOM   331 C C   . ASN A 1 40 ? 4.351   5.363   -0.207  1.00 16.14  ? 171  ASN A C   1 
ATOM   332 O O   . ASN A 1 40 ? 5.483   5.188   -0.667  1.00 16.81  ? 171  ASN A O   1 
ATOM   333 C CB  . ASN A 1 40 ? 4.828   7.198   1.453   1.00 17.11  ? 171  ASN A CB  1 
ATOM   334 C CG  . ASN A 1 40 ? 4.203   8.304   0.630   1.00 20.10  ? 171  ASN A CG  1 
ATOM   335 O OD1 . ASN A 1 40 ? 4.791   8.776   -0.344  1.00 23.53  ? 171  ASN A OD1 1 
ATOM   336 N ND2 . ASN A 1 40 ? 2.996   8.717   1.009   1.00 22.64  ? 171  ASN A ND2 1 
ATOM   337 N N   . ALA A 1 41 ? 3.249   5.115   -0.901  1.00 16.90  ? 172  ALA A N   1 
ATOM   338 C CA  . ALA A 1 41 ? 3.320   4.623   -2.268  1.00 18.06  ? 172  ALA A CA  1 
ATOM   339 C C   . ALA A 1 41 ? 2.622   5.539   -3.266  1.00 19.82  ? 172  ALA A C   1 
ATOM   340 O O   . ALA A 1 41 ? 2.007   6.539   -2.890  1.00 19.52  ? 172  ALA A O   1 
ATOM   341 C CB  . ALA A 1 41 ? 2.745   3.210   -2.343  1.00 15.55  ? 172  ALA A CB  1 
ATOM   342 N N   . GLU A 1 42 ? 2.732   5.176   -4.540  1.00 19.78  ? 173  GLU A N   1 
ATOM   343 C CA  . GLU A 1 42 ? 2.141   5.918   -5.645  1.00 21.33  ? 173  GLU A CA  1 
ATOM   344 C C   . GLU A 1 42 ? 1.572   4.909   -6.634  1.00 20.58  ? 173  GLU A C   1 
ATOM   345 O O   . GLU A 1 42 ? 2.250   3.954   -7.001  1.00 19.77  ? 173  GLU A O   1 
ATOM   346 C CB  . GLU A 1 42 ? 3.221   6.766   -6.330  1.00 24.13  ? 173  GLU A CB  1 
ATOM   347 C CG  . GLU A 1 42 ? 2.766   7.523   -7.571  1.00 28.54  ? 173  GLU A CG  1 
ATOM   348 C CD  . GLU A 1 42 ? 3.886   8.327   -8.210  1.00 32.85  ? 173  GLU A CD  1 
ATOM   349 O OE1 . GLU A 1 42 ? 4.980   7.765   -8.427  1.00 34.84  ? 173  GLU A OE1 1 
ATOM   350 O OE2 . GLU A 1 42 ? 3.676   9.525   -8.498  1.00 34.62  ? 173  GLU A OE2 1 
ATOM   351 N N   . ASP A 1 43 ? 0.319   5.097   -7.038  1.00 19.16  ? 174  ASP A N   1 
ATOM   352 C CA  . ASP A 1 43 ? -0.292  4.184   -7.997  1.00 18.43  ? 174  ASP A CA  1 
ATOM   353 C C   . ASP A 1 43 ? 0.080   4.521   -9.432  1.00 19.26  ? 174  ASP A C   1 
ATOM   354 O O   . ASP A 1 43 ? 0.861   5.443   -9.686  1.00 18.16  ? 174  ASP A O   1 
ATOM   355 C CB  . ASP A 1 43 ? -1.819  4.095   -7.822  1.00 17.06  ? 174  ASP A CB  1 
ATOM   356 C CG  . ASP A 1 43 ? -2.542  5.419   -8.066  1.00 19.73  ? 174  ASP A CG  1 
ATOM   357 O OD1 . ASP A 1 43 ? -2.044  6.293   -8.807  1.00 19.23  ? 174  ASP A OD1 1 
ATOM   358 O OD2 . ASP A 1 43 ? -3.647  5.572   -7.516  1.00 19.09  ? 174  ASP A OD2 1 
ATOM   359 N N   . SER A 1 44 ? -0.516  3.773   -10.356 1.00 22.05  ? 175  SER A N   1 
ATOM   360 C CA  . SER A 1 44 ? -0.288  3.916   -11.790 1.00 24.48  ? 175  SER A CA  1 
ATOM   361 C C   . SER A 1 44 ? -0.656  5.290   -12.342 1.00 25.78  ? 175  SER A C   1 
ATOM   362 O O   . SER A 1 44 ? -0.026  5.775   -13.283 1.00 27.41  ? 175  SER A O   1 
ATOM   363 C CB  . SER A 1 44 ? -1.074  2.836   -12.538 1.00 23.31  ? 175  SER A CB  1 
ATOM   364 O OG  . SER A 1 44 ? -0.662  2.749   -13.886 1.00 25.82  ? 175  SER A OG  1 
ATOM   365 N N   . GLU A 1 45 ? -1.670  5.910   -11.743 1.00 26.06  ? 176  GLU A N   1 
ATOM   366 C CA  . GLU A 1 45 ? -2.155  7.224   -12.165 1.00 25.60  ? 176  GLU A CA  1 
ATOM   367 C C   . GLU A 1 45 ? -1.460  8.398   -11.480 1.00 25.60  ? 176  GLU A C   1 
ATOM   368 O O   . GLU A 1 45 ? -1.842  9.551   -11.686 1.00 27.19  ? 176  GLU A O   1 
ATOM   369 C CB  . GLU A 1 45 ? -3.657  7.318   -11.920 1.00 23.98  ? 176  GLU A CB  1 
ATOM   370 C CG  . GLU A 1 45 ? -4.472  6.326   -12.714 1.00 27.20  ? 176  GLU A CG  1 
ATOM   371 C CD  . GLU A 1 45 ? -5.891  6.215   -12.204 1.00 29.90  ? 176  GLU A CD  1 
ATOM   372 O OE1 . GLU A 1 45 ? -6.538  7.263   -11.984 1.00 34.58  ? 176  GLU A OE1 1 
ATOM   373 O OE2 . GLU A 1 45 ? -6.360  5.072   -12.014 1.00 32.08  ? 176  GLU A OE2 1 
ATOM   374 N N   . GLY A 1 46 ? -0.469  8.107   -10.642 1.00 25.50  ? 177  GLY A N   1 
ATOM   375 C CA  . GLY A 1 46 ? 0.255   9.170   -9.967  1.00 25.36  ? 177  GLY A CA  1 
ATOM   376 C C   . GLY A 1 46 ? -0.287  9.654   -8.631  1.00 24.59  ? 177  GLY A C   1 
ATOM   377 O O   . GLY A 1 46 ? 0.238   10.619  -8.073  1.00 25.12  ? 177  GLY A O   1 
ATOM   378 N N   . LYS A 1 47 ? -1.342  9.017   -8.127  1.00 25.39  ? 178  LYS A N   1 
ATOM   379 C CA  . LYS A 1 47 ? -1.908  9.400   -6.831  1.00 24.97  ? 178  LYS A CA  1 
ATOM   380 C C   . LYS A 1 47 ? -1.055  8.802   -5.716  1.00 24.84  ? 178  LYS A C   1 
ATOM   381 O O   . LYS A 1 47 ? -0.725  7.618   -5.749  1.00 23.54  ? 178  LYS A O   1 
ATOM   382 C CB  . LYS A 1 47 ? -3.353  8.919   -6.703  1.00 24.88  ? 178  LYS A CB  1 
ATOM   383 C CG  . LYS A 1 47 ? -4.306  9.571   -7.686  1.00 26.83  ? 178  LYS A CG  1 
ATOM   384 C CD  . LYS A 1 47 ? -4.990  8.528   -8.546  1.00 30.19  ? 178  LYS A CD  1 
ATOM   385 C CE  . LYS A 1 47 ? -5.881  7.628   -7.709  1.00 31.58  ? 178  LYS A CE  1 
ATOM   386 N NZ  . LYS A 1 47 ? -6.368  6.458   -8.490  1.00 36.30  ? 178  LYS A NZ  1 
ATOM   387 N N   . ARG A 1 48 ? -0.687  9.631   -4.745  1.00 23.84  ? 179  ARG A N   1 
ATOM   388 C CA  . ARG A 1 48 ? 0.147   9.191   -3.632  1.00 23.80  ? 179  ARG A CA  1 
ATOM   389 C C   . ARG A 1 48 ? -0.630  8.983   -2.338  1.00 22.60  ? 179  ARG A C   1 
ATOM   390 O O   . ARG A 1 48 ? -1.728  9.514   -2.174  1.00 23.06  ? 179  ARG A O   1 
ATOM   391 C CB  . ARG A 1 48 ? 1.292   10.185  -3.411  1.00 26.03  ? 179  ARG A CB  1 
ATOM   392 C CG  . ARG A 1 48 ? 2.186   10.360  -4.627  1.00 29.76  ? 179  ARG A CG  1 
ATOM   393 C CD  . ARG A 1 48 ? 3.193   11.474  -4.426  1.00 32.21  ? 179  ARG A CD  1 
ATOM   394 N NE  . ARG A 1 48 ? 3.912   11.790  -5.660  1.00 33.87  ? 179  ARG A NE  1 
ATOM   395 C CZ  . ARG A 1 48 ? 4.694   12.854  -5.818  1.00 33.35  ? 179  ARG A CZ  1 
ATOM   396 N NH1 . ARG A 1 48 ? 4.864   13.709  -4.820  1.00 36.03  ? 179  ARG A NH1 1 
ATOM   397 N NH2 . ARG A 1 48 ? 5.308   13.065  -6.974  1.00 33.64  ? 179  ARG A NH2 1 
ATOM   398 N N   . GLY A 1 49 ? -0.060  8.191   -1.432  1.00 20.97  ? 180  GLY A N   1 
ATOM   399 C CA  . GLY A 1 49 ? -0.710  7.927   -0.159  1.00 19.12  ? 180  GLY A CA  1 
ATOM   400 C C   . GLY A 1 49 ? -0.096  6.769   0.607   1.00 19.53  ? 180  GLY A C   1 
ATOM   401 O O   . GLY A 1 49 ? 0.740   6.035   0.082   1.00 19.47  ? 180  GLY A O   1 
ATOM   402 N N   . MET A 1 50 ? -0.532  6.592   1.850   1.00 18.05  ? 181  MET A N   1 
ATOM   403 C CA  . MET A 1 50 ? -0.022  5.523   2.703   1.00 17.65  ? 181  MET A CA  1 
ATOM   404 C C   . MET A 1 50 ? -0.700  4.175   2.446   1.00 15.39  ? 181  MET A C   1 
ATOM   405 O O   . MET A 1 50 ? -1.896  4.120   2.155   1.00 14.53  ? 181  MET A O   1 
ATOM   406 C CB  . MET A 1 50 ? -0.190  5.902   4.180   1.00 19.88  ? 181  MET A CB  1 
ATOM   407 C CG  . MET A 1 50 ? 0.454   7.224   4.569   1.00 21.05  ? 181  MET A CG  1 
ATOM   408 S SD  . MET A 1 50 ? 2.220   7.281   4.219   1.00 24.90  ? 181  MET A SD  1 
ATOM   409 C CE  . MET A 1 50 ? 2.852   6.241   5.523   1.00 24.54  ? 181  MET A CE  1 
ATOM   410 N N   . ILE A 1 51 ? 0.070   3.093   2.578   1.00 14.68  ? 182  ILE A N   1 
ATOM   411 C CA  . ILE A 1 51 ? -0.452  1.737   2.379   1.00 12.85  ? 182  ILE A CA  1 
ATOM   412 C C   . ILE A 1 51 ? 0.027   0.759   3.463   1.00 10.49  ? 182  ILE A C   1 
ATOM   413 O O   . ILE A 1 51 ? 1.118   0.911   4.015   1.00 9.20   ? 182  ILE A O   1 
ATOM   414 C CB  . ILE A 1 51 ? -0.058  1.143   0.989   1.00 11.85  ? 182  ILE A CB  1 
ATOM   415 C CG1 . ILE A 1 51 ? 1.466   1.066   0.842   1.00 11.74  ? 182  ILE A CG1 1 
ATOM   416 C CG2 . ILE A 1 51 ? -0.688  1.958   -0.145  1.00 11.98  ? 182  ILE A CG2 1 
ATOM   417 C CD1 . ILE A 1 51 ? 1.933   0.233   -0.343  1.00 10.49  ? 182  ILE A CD1 1 
ATOM   418 N N   . PRO A 1 52 ? -0.818  -0.221  3.822   1.00 11.48  ? 183  PRO A N   1 
ATOM   419 C CA  . PRO A 1 52 ? -0.434  -1.204  4.841   1.00 11.71  ? 183  PRO A CA  1 
ATOM   420 C C   . PRO A 1 52 ? 0.374   -2.320  4.170   1.00 11.05  ? 183  PRO A C   1 
ATOM   421 O O   . PRO A 1 52 ? -0.116  -3.004  3.262   1.00 9.71   ? 183  PRO A O   1 
ATOM   422 C CB  . PRO A 1 52 ? -1.783  -1.691  5.362   1.00 12.23  ? 183  PRO A CB  1 
ATOM   423 C CG  . PRO A 1 52 ? -2.646  -1.645  4.141   1.00 14.37  ? 183  PRO A CG  1 
ATOM   424 C CD  . PRO A 1 52 ? -2.245  -0.345  3.474   1.00 11.80  ? 183  PRO A CD  1 
ATOM   425 N N   . VAL A 1 53 ? 1.621   -2.473  4.608   1.00 10.46  ? 184  VAL A N   1 
ATOM   426 C CA  . VAL A 1 53 ? 2.543   -3.471  4.059   1.00 12.35  ? 184  VAL A CA  1 
ATOM   427 C C   . VAL A 1 53 ? 2.006   -4.911  3.968   1.00 12.46  ? 184  VAL A C   1 
ATOM   428 O O   . VAL A 1 53 ? 2.231   -5.588  2.964   1.00 13.63  ? 184  VAL A O   1 
ATOM   429 C CB  . VAL A 1 53 ? 3.909   -3.440  4.805   1.00 12.70  ? 184  VAL A CB  1 
ATOM   430 C CG1 . VAL A 1 53 ? 4.868   -4.510  4.256   1.00 12.44  ? 184  VAL A CG1 1 
ATOM   431 C CG2 . VAL A 1 53 ? 4.535   -2.060  4.676   1.00 10.37  ? 184  VAL A CG2 1 
ATOM   432 N N   . PRO A 1 54 ? 1.310   -5.404  5.014   1.00 13.09  ? 185  PRO A N   1 
ATOM   433 C CA  . PRO A 1 54 ? 0.772   -6.773  4.971   1.00 14.53  ? 185  PRO A CA  1 
ATOM   434 C C   . PRO A 1 54 ? -0.256  -7.016  3.858   1.00 12.89  ? 185  PRO A C   1 
ATOM   435 O O   . PRO A 1 54 ? -0.629  -8.156  3.588   1.00 13.64  ? 185  PRO A O   1 
ATOM   436 C CB  . PRO A 1 54 ? 0.146   -6.931  6.356   1.00 14.02  ? 185  PRO A CB  1 
ATOM   437 C CG  . PRO A 1 54 ? 1.022   -6.096  7.207   1.00 15.34  ? 185  PRO A CG  1 
ATOM   438 C CD  . PRO A 1 54 ? 1.179   -4.849  6.373   1.00 13.12  ? 185  PRO A CD  1 
ATOM   439 N N   . TYR A 1 55 ? -0.711  -5.942  3.219   1.00 14.19  ? 186  TYR A N   1 
ATOM   440 C CA  . TYR A 1 55 ? -1.688  -6.042  2.135   1.00 14.35  ? 186  TYR A CA  1 
ATOM   441 C C   . TYR A 1 55 ? -1.044  -6.141  0.754   1.00 12.72  ? 186  TYR A C   1 
ATOM   442 O O   . TYR A 1 55 ? -1.737  -6.330  -0.242  1.00 11.87  ? 186  TYR A O   1 
ATOM   443 C CB  . TYR A 1 55 ? -2.650  -4.844  2.160   1.00 15.33  ? 186  TYR A CB  1 
ATOM   444 C CG  . TYR A 1 55 ? -3.799  -4.992  3.129   1.00 14.85  ? 186  TYR A CG  1 
ATOM   445 C CD1 . TYR A 1 55 ? -3.584  -5.399  4.446   1.00 14.41  ? 186  TYR A CD1 1 
ATOM   446 C CD2 . TYR A 1 55 ? -5.107  -4.745  2.722   1.00 13.24  ? 186  TYR A CD2 1 
ATOM   447 C CE1 . TYR A 1 55 ? -4.649  -5.556  5.333   1.00 17.75  ? 186  TYR A CE1 1 
ATOM   448 C CE2 . TYR A 1 55 ? -6.175  -4.896  3.597   1.00 16.90  ? 186  TYR A CE2 1 
ATOM   449 C CZ  . TYR A 1 55 ? -5.940  -5.303  4.901   1.00 16.89  ? 186  TYR A CZ  1 
ATOM   450 O OH  . TYR A 1 55 ? -6.997  -5.453  5.768   1.00 20.76  ? 186  TYR A OH  1 
ATOM   451 N N   . VAL A 1 56 ? 0.274   -5.977  0.693   1.00 12.93  ? 187  VAL A N   1 
ATOM   452 C CA  . VAL A 1 56 ? 0.995   -6.047  -0.577  1.00 12.78  ? 187  VAL A CA  1 
ATOM   453 C C   . VAL A 1 56 ? 2.185   -7.003  -0.491  1.00 13.93  ? 187  VAL A C   1 
ATOM   454 O O   . VAL A 1 56 ? 2.602   -7.406  0.595   1.00 15.34  ? 187  VAL A O   1 
ATOM   455 C CB  . VAL A 1 56 ? 1.516   -4.641  -1.027  1.00 11.81  ? 187  VAL A CB  1 
ATOM   456 C CG1 . VAL A 1 56 ? 0.383   -3.632  -1.039  1.00 11.32  ? 187  VAL A CG1 1 
ATOM   457 C CG2 . VAL A 1 56 ? 2.655   -4.168  -0.126  1.00 9.80   ? 187  VAL A CG2 1 
ATOM   458 N N   . GLU A 1 57 ? 2.708   -7.385  -1.648  1.00 15.51  ? 188  GLU A N   1 
ATOM   459 C CA  . GLU A 1 57 ? 3.869   -8.260  -1.709  1.00 16.21  ? 188  GLU A CA  1 
ATOM   460 C C   . GLU A 1 57 ? 4.924   -7.549  -2.547  1.00 17.92  ? 188  GLU A C   1 
ATOM   461 O O   . GLU A 1 57 ? 4.589   -6.747  -3.427  1.00 16.89  ? 188  GLU A O   1 
ATOM   462 C CB  . GLU A 1 57 ? 3.511   -9.621  -2.327  1.00 18.03  ? 188  GLU A CB  1 
ATOM   463 C CG  . GLU A 1 57 ? 3.170   -9.598  -3.824  1.00 19.55  ? 188  GLU A CG  1 
ATOM   464 C CD  . GLU A 1 57 ? 2.821   -10.975 -4.377  1.00 20.07  ? 188  GLU A CD  1 
ATOM   465 O OE1 . GLU A 1 57 ? 3.250   -11.993 -3.794  1.00 21.57  ? 188  GLU A OE1 1 
ATOM   466 O OE2 . GLU A 1 57 ? 2.106   -11.043 -5.396  1.00 21.61  ? 188  GLU A OE2 1 
ATOM   467 N N   . LYS A 1 58 ? 6.191   -7.801  -2.231  1.00 18.00  ? 189  LYS A N   1 
ATOM   468 C CA  . LYS A 1 58 ? 7.314   -7.205  -2.948  1.00 20.41  ? 189  LYS A CA  1 
ATOM   469 C C   . LYS A 1 58 ? 7.226   -7.644  -4.409  1.00 21.05  ? 189  LYS A C   1 
ATOM   470 O O   . LYS A 1 58 ? 7.323   -8.837  -4.704  1.00 21.69  ? 189  LYS A O   1 
ATOM   471 C CB  . LYS A 1 58 ? 8.628   -7.707  -2.345  1.00 22.73  ? 189  LYS A CB  1 
ATOM   472 C CG  . LYS A 1 58 ? 9.663   -6.635  -2.081  1.00 23.46  ? 189  LYS A CG  1 
ATOM   473 C CD  . LYS A 1 58 ? 9.744   -6.276  -0.602  1.00 24.23  ? 189  LYS A CD  1 
ATOM   474 C CE  . LYS A 1 58 ? 10.901  -5.316  -0.358  1.00 25.77  ? 189  LYS A CE  1 
ATOM   475 N NZ  . LYS A 1 58 ? 11.119  -5.013  1.080   1.00 27.13  ? 189  LYS A NZ  1 
ATOM   476 N N   . TYR A 1 59 ? 7.006   -6.698  -5.316  1.00 21.43  ? 190  TYR A N   1 
ATOM   477 C CA  . TYR A 1 59 ? 6.905   -7.040  -6.730  1.00 22.94  ? 190  TYR A CA  1 
ATOM   478 C C   . TYR A 1 59 ? 8.247   -7.499  -7.272  1.00 24.37  ? 190  TYR A C   1 
ATOM   479 O O   . TYR A 1 59 ? 9.241   -6.772  -7.200  1.00 23.41  ? 190  TYR A O   1 
ATOM   480 C CB  . TYR A 1 59 ? 6.391   -5.865  -7.551  1.00 21.75  ? 190  TYR A CB  1 
ATOM   481 C CG  . TYR A 1 59 ? 6.193   -6.195  -9.007  1.00 19.58  ? 190  TYR A CG  1 
ATOM   482 C CD1 . TYR A 1 59 ? 5.269   -7.161  -9.400  1.00 19.19  ? 190  TYR A CD1 1 
ATOM   483 C CD2 . TYR A 1 59 ? 6.935   -5.551  -9.993  1.00 19.97  ? 190  TYR A CD2 1 
ATOM   484 C CE1 . TYR A 1 59 ? 5.083   -7.477  -10.733 1.00 17.32  ? 190  TYR A CE1 1 
ATOM   485 C CE2 . TYR A 1 59 ? 6.758   -5.860  -11.331 1.00 19.79  ? 190  TYR A CE2 1 
ATOM   486 C CZ  . TYR A 1 59 ? 5.830   -6.825  -11.693 1.00 18.45  ? 190  TYR A CZ  1 
ATOM   487 O OH  . TYR A 1 59 ? 5.647   -7.131  -13.018 1.00 18.87  ? 190  TYR A OH  1 
ATOM   488 N N   . HIS A 1 60 ? 8.257   -8.712  -7.818  1.00 26.77  ? 191  HIS A N   1 
ATOM   489 C CA  . HIS A 1 60 ? 9.461   -9.315  -8.374  1.00 29.16  ? 191  HIS A CA  1 
ATOM   490 C C   . HIS A 1 60 ? 10.538  -9.484  -7.291  1.00 29.05  ? 191  HIS A C   1 
ATOM   491 O O   . HIS A 1 60 ? 11.723  -9.172  -7.554  1.00 30.49  ? 191  HIS A O   1 
ATOM   492 C CB  . HIS A 1 60 ? 9.980   -8.478  -9.553  1.00 31.38  ? 191  HIS A CB  1 
ATOM   493 C CG  . HIS A 1 60 ? 9.979   -9.207  -10.861 1.00 35.49  ? 191  HIS A CG  1 
ATOM   494 N ND1 . HIS A 1 60 ? 10.579  -8.702  -11.996 1.00 35.98  ? 191  HIS A ND1 1 
ATOM   495 C CD2 . HIS A 1 60 ? 9.469   -10.412 -11.211 1.00 36.16  ? 191  HIS A CD2 1 
ATOM   496 C CE1 . HIS A 1 60 ? 10.439  -9.562  -12.985 1.00 35.69  ? 191  HIS A CE1 1 
ATOM   497 N NE2 . HIS A 1 60 ? 9.770   -10.609 -12.539 1.00 36.23  ? 191  HIS A NE2 1 
ATOM   498 N N   . GLU B 2 2  ? -14.599 -9.752  6.946   1.00 39.21  ? 2    GLU C N   1 
ATOM   499 C CA  . GLU B 2 2  ? -13.183 -9.315  6.780   1.00 37.68  ? 2    GLU C CA  1 
ATOM   500 C C   . GLU B 2 2  ? -12.287 -10.462 6.309   1.00 35.51  ? 2    GLU C C   1 
ATOM   501 O O   . GLU B 2 2  ? -11.721 -11.196 7.124   1.00 35.88  ? 2    GLU C O   1 
ATOM   502 C CB  . GLU B 2 2  ? -12.655 -8.740  8.095   1.00 37.59  ? 2    GLU C CB  1 
ATOM   503 N N   . VAL B 2 3  ? -12.165 -10.610 4.992   1.00 34.17  ? 3    VAL C N   1 
ATOM   504 C CA  . VAL B 2 3  ? -11.327 -11.653 4.405   1.00 30.31  ? 3    VAL C CA  1 
ATOM   505 C C   . VAL B 2 3  ? -9.869  -11.425 4.792   1.00 28.57  ? 3    VAL C C   1 
ATOM   506 O O   . VAL B 2 3  ? -9.217  -12.337 5.289   1.00 28.19  ? 3    VAL C O   1 
ATOM   507 C CB  . VAL B 2 3  ? -11.494 -11.691 2.891   1.00 29.87  ? 3    VAL C CB  1 
ATOM   508 N N   . PRO B 2 4  ? -9.344  -10.198 4.583   1.00 26.83  ? 4    PRO C N   1 
ATOM   509 C CA  . PRO B 2 4  ? -7.950  -9.923  4.948   1.00 25.56  ? 4    PRO C CA  1 
ATOM   510 C C   . PRO B 2 4  ? -7.895  -9.707  6.461   1.00 24.11  ? 4    PRO C C   1 
ATOM   511 O O   . PRO B 2 4  ? -8.910  -9.376  7.081   1.00 23.81  ? 4    PRO C O   1 
ATOM   512 C CB  . PRO B 2 4  ? -7.653  -8.600  4.228   1.00 24.63  ? 4    PRO C CB  1 
ATOM   513 C CG  . PRO B 2 4  ? -8.732  -8.483  3.196   1.00 25.51  ? 4    PRO C CG  1 
ATOM   514 C CD  . PRO B 2 4  ? -9.923  -9.030  3.899   1.00 26.68  ? 4    PRO C CD  1 
ATOM   515 N N   . GLY B 2 5  ? -6.712  -9.887  7.068   1.00 21.82  ? 5    GLY C N   1 
ATOM   516 C CA  . GLY B 2 5  ? -6.517  -9.501  8.456   1.00 21.86  ? 5    GLY C CA  1 
ATOM   517 C C   . GLY B 2 5  ? -6.615  -7.993  8.622   1.00 21.82  ? 5    GLY C C   1 
ATOM   518 N N   . PRO B 2 6  ? -6.721  -7.494  9.862   1.00 21.83  ? 6    PRO C N   1 
ATOM   519 C CA  . PRO B 2 6  ? -6.822  -6.055  10.137  1.00 22.20  ? 6    PRO C CA  1 
ATOM   520 C C   . PRO B 2 6  ? -5.540  -5.339  9.726   1.00 21.74  ? 6    PRO C C   1 
ATOM   521 O O   . PRO B 2 6  ? -4.468  -5.946  9.717   1.00 20.01  ? 6    PRO C O   1 
ATOM   522 C CB  . PRO B 2 6  ? -6.983  -6.011  11.657  1.00 22.47  ? 6    PRO C CB  1 
ATOM   523 C CG  . PRO B 2 6  ? -7.579  -7.333  11.990  1.00 22.83  ? 6    PRO C CG  1 
ATOM   524 C CD  . PRO B 2 6  ? -6.815  -8.268  11.109  1.00 22.83  ? 6    PRO C CD  1 
ATOM   525 N N   . VAL B 2 7  ? -5.644  -4.062  9.368   1.00 21.60  ? 7    VAL C N   1 
ATOM   526 C CA  . VAL B 2 7  ? -4.453  -3.296  8.993   1.00 22.70  ? 7    VAL C CA  1 
ATOM   527 C C   . VAL B 2 7  ? -3.557  -3.152  10.233  1.00 22.75  ? 7    VAL C C   1 
ATOM   528 O O   . VAL B 2 7  ? -4.047  -3.168  11.361  1.00 23.07  ? 7    VAL C O   1 
ATOM   529 C CB  . VAL B 2 7  ? -4.808  -1.904  8.390   1.00 23.89  ? 7    VAL C CB  1 
ATOM   530 C CG1 . VAL B 2 7  ? -5.376  -2.073  6.991   1.00 24.36  ? 7    VAL C CG1 1 
ATOM   531 C CG2 . VAL B 2 7  ? -5.805  -1.169  9.273   1.00 25.63  ? 7    VAL C CG2 1 
ATOM   532 N N   . PRO B 2 8  ? -2.229  -3.068  10.041  1.00 23.08  ? 8    PRO C N   1 
ATOM   533 C CA  . PRO B 2 8  ? -1.308  -2.936  11.178  1.00 21.41  ? 8    PRO C CA  1 
ATOM   534 C C   . PRO B 2 8  ? -1.425  -1.603  11.914  1.00 20.20  ? 8    PRO C C   1 
ATOM   535 O O   . PRO B 2 8  ? -1.906  -0.615  11.356  1.00 18.67  ? 8    PRO C O   1 
ATOM   536 C CB  . PRO B 2 8  ? 0.062   -3.093  10.521  1.00 20.50  ? 8    PRO C CB  1 
ATOM   537 C CG  . PRO B 2 8  ? -0.153  -2.499  9.167   1.00 20.86  ? 8    PRO C CG  1 
ATOM   538 C CD  . PRO B 2 8  ? -1.484  -3.087  8.768   1.00 22.61  ? 8    PRO C CD  1 
ATOM   539 N N   . PRO B 2 9  ? -1.016  -1.573  13.196  1.00 20.15  ? 9    PRO C N   1 
ATOM   540 C CA  . PRO B 2 9  ? -1.066  -0.364  14.019  1.00 20.04  ? 9    PRO C CA  1 
ATOM   541 C C   . PRO B 2 9  ? -0.216  0.732   13.396  1.00 19.01  ? 9    PRO C C   1 
ATOM   542 O O   . PRO B 2 9  ? 0.874   0.463   12.889  1.00 19.33  ? 9    PRO C O   1 
ATOM   543 C CB  . PRO B 2 9  ? -0.455  -0.831  15.341  1.00 19.61  ? 9    PRO C CB  1 
ATOM   544 C CG  . PRO B 2 9  ? -0.855  -2.266  15.407  1.00 20.41  ? 9    PRO C CG  1 
ATOM   545 C CD  . PRO B 2 9  ? -0.572  -2.728  13.999  1.00 20.98  ? 9    PRO C CD  1 
ATOM   546 N N   . ARG B 2 10 ? -0.728  1.957   13.403  1.00 19.20  ? 10   ARG C N   1 
ATOM   547 C CA  . ARG B 2 10 ? 0.001   3.086   12.848  1.00 22.21  ? 10   ARG C CA  1 
ATOM   548 C C   . ARG B 2 10 ? 0.915   3.661   13.926  1.00 25.56  ? 10   ARG C C   1 
ATOM   549 O O   . ARG B 2 10 ? 0.469   3.951   15.037  1.00 26.83  ? 10   ARG C O   1 
ATOM   550 C CB  . ARG B 2 10 ? -0.976  4.141   12.337  1.00 21.38  ? 10   ARG C CB  1 
ATOM   551 C CG  . ARG B 2 10 ? -1.804  3.679   11.146  1.00 21.01  ? 10   ARG C CG  1 
ATOM   552 C CD  . ARG B 2 10 ? -2.920  4.659   10.848  1.00 22.71  ? 10   ARG C CD  1 
ATOM   553 N NE  . ARG B 2 10 ? -3.520  4.471   9.528   1.00 26.13  ? 10   ARG C NE  1 
ATOM   554 C CZ  . ARG B 2 10 ? -4.638  3.793   9.294   1.00 28.35  ? 10   ARG C CZ  1 
ATOM   555 N NH1 . ARG B 2 10 ? -5.297  3.213   10.291  1.00 32.20  ? 10   ARG C NH1 1 
ATOM   556 N NH2 . ARG B 2 10 ? -5.130  3.741   8.065   1.00 28.06  ? 10   ARG C NH2 1 
ATOM   557 N N   . ARG B 2 11 ? 2.202   3.763   13.598  1.00 28.51  ? 11   ARG C N   1 
ATOM   558 C CA  . ARG B 2 11 ? 3.235   4.276   14.499  1.00 33.31  ? 11   ARG C CA  1 
ATOM   559 C C   . ARG B 2 11 ? 3.339   3.434   15.772  1.00 35.94  ? 11   ARG C C   1 
ATOM   560 O O   . ARG B 2 11 ? 3.618   2.225   15.628  1.00 38.61  ? 11   ARG C O   1 
ATOM   561 C CB  . ARG B 2 11 ? 2.987   5.759   14.827  1.00 33.84  ? 11   ARG C CB  1 
HETATM 562 C CB  . PYJ C 3 .  ? -5.339  -10.183 6.633   1.00 18.54  ? 1005 PYJ C CB  1 
HETATM 563 C CX  . PYJ C 3 .  ? -4.219  -9.203  6.243   1.00 16.82  ? 1005 PYJ C CX  1 
HETATM 564 C CG  . PYJ C 3 .  ? -4.920  -11.556 7.080   1.00 21.75  ? 1005 PYJ C CG  1 
HETATM 565 C CD1 . PYJ C 3 .  ? -3.851  -11.535 7.976   1.00 23.25  ? 1005 PYJ C CD1 1 
HETATM 566 C CD2 . PYJ C 3 .  ? -5.504  -12.764 6.698   1.00 23.21  ? 1005 PYJ C CD2 1 
HETATM 567 C CE1 . PYJ C 3 .  ? -3.304  -12.688 8.543   1.00 22.13  ? 1005 PYJ C CE1 1 
HETATM 568 C CE2 . PYJ C 3 .  ? -4.989  -13.931 7.238   1.00 23.82  ? 1005 PYJ C CE2 1 
HETATM 569 C CZ  . PYJ C 3 .  ? -3.924  -13.872 8.132   1.00 22.85  ? 1005 PYJ C CZ  1 
HETATM 570 O O   . HOH D 4 .  ? 4.694   0.131   11.420  1.00 16.83  ? 21   HOH A O   1 
HETATM 571 O O   . HOH D 4 .  ? 8.516   0.905   12.411  1.00 27.51  ? 22   HOH A O   1 
HETATM 572 O O   . HOH D 4 .  ? -8.673  7.349   1.129   1.00 28.98  ? 23   HOH A O   1 
HETATM 573 O O   . HOH D 4 .  ? -4.326  2.734   -10.526 1.00 31.13  ? 24   HOH A O   1 
HETATM 574 O O   . HOH D 4 .  ? 11.542  2.021   7.708   1.00 24.43  ? 25   HOH A O   1 
HETATM 575 O O   . HOH D 4 .  ? -10.032 3.991   10.060  1.00 30.05  ? 29   HOH A O   1 
HETATM 576 O O   . HOH D 4 .  ? -4.434  2.830   -6.492  1.00 23.42  ? 30   HOH A O   1 
HETATM 577 O O   . HOH D 4 .  ? 3.948   -7.876  5.614   1.00 31.10  ? 31   HOH A O   1 
HETATM 578 O O   . HOH D 4 .  ? -4.494  9.827   -3.333  1.00 80.56  ? 32   HOH A O   1 
HETATM 579 O O   . HOH D 4 .  ? 10.901  3.585   -6.047  1.00 28.41  ? 33   HOH A O   1 
HETATM 580 O O   . HOH D 4 .  ? -0.128  12.900  -5.621  1.00 37.56  ? 35   HOH A O   1 
HETATM 581 O O   . HOH D 4 .  ? -8.122  -10.032 -9.146  1.00 58.63  ? 36   HOH A O   1 
HETATM 582 O O   . HOH D 4 .  ? 9.810   -3.964  -7.724  1.00 21.46  ? 37   HOH A O   1 
HETATM 583 O O   . HOH D 4 .  ? -9.826  -8.485  -0.516  1.00 39.43  ? 38   HOH A O   1 
HETATM 584 O O   . HOH D 4 .  ? 2.654   -13.137 -1.243  1.00 26.75  ? 40   HOH A O   1 
HETATM 585 O O   . HOH D 4 .  ? -1.695  1.125   -9.744  1.00 27.33  ? 41   HOH A O   1 
HETATM 586 O O   . HOH D 4 .  ? -12.418 -12.328 -0.138  1.00 31.24  ? 42   HOH A O   1 
HETATM 587 O O   . HOH D 4 .  ? 0.818   14.698  2.788   1.00 28.51  ? 43   HOH A O   1 
HETATM 588 O O   . HOH D 4 .  ? 13.616  1.966   5.172   1.00 49.06  ? 44   HOH A O   1 
HETATM 589 O O   . HOH D 4 .  ? -7.518  -0.625  -9.917  1.00 29.05  ? 45   HOH A O   1 
HETATM 590 O O   . HOH D 4 .  ? 1.122   9.829   -14.009 1.00 45.72  ? 46   HOH A O   1 
HETATM 591 O O   . HOH D 4 .  ? -11.033 -8.088  -11.000 1.00 52.88  ? 47   HOH A O   1 
HETATM 592 O O   . HOH D 4 .  ? -9.723  2.545   -5.168  1.00 38.57  ? 48   HOH A O   1 
HETATM 593 O O   . HOH D 4 .  ? 8.576   -3.413  -2.051  1.00 26.06  ? 49   HOH A O   1 
HETATM 594 O O   . HOH D 4 .  ? 12.475  5.288   2.949   1.00 32.04  ? 51   HOH A O   1 
HETATM 595 O O   . HOH D 4 .  ? 5.055   11.597  1.257   1.00 41.51  ? 52   HOH A O   1 
HETATM 596 O O   . HOH D 4 .  ? -9.572  -1.360  7.636   1.00 92.46  ? 54   HOH A O   1 
HETATM 597 O O   . HOH D 4 .  ? -0.796  -10.980 -11.918 1.00 37.84  ? 55   HOH A O   1 
HETATM 598 O O   . HOH D 4 .  ? 12.250  5.751   8.102   1.00 53.19  ? 56   HOH A O   1 
HETATM 599 O O   . HOH D 4 .  ? -0.625  -7.978  -10.821 1.00 32.01  ? 59   HOH A O   1 
HETATM 600 O O   . HOH D 4 .  ? -1.599  10.797  8.471   1.00 42.72  ? 61   HOH A O   1 
HETATM 601 O O   . HOH D 4 .  ? 9.529   3.774   11.934  1.00 29.72  ? 62   HOH A O   1 
HETATM 602 O O   . HOH D 4 .  ? -6.039  -4.848  -10.609 1.00 100.00 ? 63   HOH A O   1 
HETATM 603 O O   . HOH D 4 .  ? -1.837  13.006  -0.445  1.00 49.47  ? 64   HOH A O   1 
HETATM 604 O O   . HOH D 4 .  ? -8.521  11.486  0.498   1.00 40.35  ? 65   HOH A O   1 
HETATM 605 O O   . HOH D 4 .  ? -13.106 -3.986  -2.518  1.00 27.20  ? 66   HOH A O   1 
HETATM 606 O O   . HOH E 4 .  ? -3.886  0.966   12.694  1.00 18.60  ? 26   HOH C O   1 
HETATM 607 O O   . HOH E 4 .  ? 2.896   -4.504  14.498  1.00 34.72  ? 27   HOH C O   1 
HETATM 608 O O   . HOH E 4 .  ? 3.724   -0.573  16.163  1.00 32.51  ? 28   HOH C O   1 
HETATM 609 O O   . HOH E 4 .  ? -9.359  -12.318 0.592   1.00 87.86  ? 34   HOH C O   1 
HETATM 610 O O   . HOH E 4 .  ? 2.450   -1.832  12.737  1.00 22.47  ? 39   HOH C O   1 
HETATM 611 O O   . HOH E 4 .  ? -0.330  6.109   8.518   1.00 31.44  ? 50   HOH C O   1 
HETATM 612 O O   . HOH E 4 .  ? -15.376 -12.879 8.728   1.00 71.72  ? 53   HOH C O   1 
HETATM 613 O O   . HOH E 4 .  ? -2.493  -6.106  7.807   1.00 62.03  ? 57   HOH C O   1 
HETATM 614 O O   . HOH E 4 .  ? -2.824  -5.982  12.783  1.00 31.20  ? 58   HOH C O   1 
HETATM 615 O O   . HOH E 4 .  ? -0.175  -6.157  15.842  1.00 46.38  ? 60   HOH C O   1 
# 
